data_7S8Q
#
_entry.id   7S8Q
#
_cell.length_a   119.481
_cell.length_b   119.481
_cell.length_c   63.460
_cell.angle_alpha   90.000
_cell.angle_beta   90.000
_cell.angle_gamma   90.000
#
_symmetry.space_group_name_H-M   'P 43'
#
loop_
_entity.id
_entity.type
_entity.pdbx_description
1 polymer 'HLA class I histocompatibility antigen, A alpha chain'
2 polymer Beta-2-microglobulin
3 polymer 'Nucleoprotein peptide KTNGNAFIGK'
4 water water
#
loop_
_entity_poly.entity_id
_entity_poly.type
_entity_poly.pdbx_seq_one_letter_code
_entity_poly.pdbx_strand_id
1 'polypeptide(L)'
;GSHSMRYFYTSVSRPGRGEPRFIAVGYVDDTQFVRFDSDAASQRMEPRAPWIEQEGPEYWDQETRNVKAQSQTDRVDLGT
LRGYYNQSEDGSHTIQIMYGCDVGPDGRFLRGYRQDAYDGKDYIALNEDLRSWTAADMAAQITKRKWEAAHAAEQQRAYL
EGRCVEWLRRYLENGKETLQRTDPPKTHMTHHPISDHEATLRCWALGFYPAEITLTWQRDGEDQTQDTELVETRPAGDGT
FQKWAAVVVPSGEEQRYTCHVQHEGLPKPLTLRWELSS
;
A,D
2 'polypeptide(L)'
;MIQRTPKIQVYSRHPAENGKSNFLNCYVSGFHPSDIEVDLLKNGERIEKVEHSDLSFSKDWSFYLLYYTEFTPTEKDEYA
CRVNHVTLSQPKIVKWDRDM
;
B,E
3 'polypeptide(L)' KTNGNAFIGK C,F
#
# COMPACT_ATOMS: atom_id res chain seq x y z
N GLY A 1 -1.91 27.71 13.28
CA GLY A 1 -0.92 27.49 14.34
C GLY A 1 0.45 27.15 13.78
N SER A 2 1.40 26.77 14.67
CA SER A 2 2.76 26.40 14.29
C SER A 2 2.81 24.93 13.82
N HIS A 3 3.74 24.60 12.92
CA HIS A 3 3.83 23.24 12.42
C HIS A 3 5.26 22.80 12.34
N SER A 4 5.50 21.47 12.22
CA SER A 4 6.84 20.89 12.10
C SER A 4 6.89 19.74 11.10
N MET A 5 8.07 19.48 10.54
CA MET A 5 8.33 18.31 9.72
C MET A 5 9.52 17.67 10.33
N ARG A 6 9.47 16.34 10.55
CA ARG A 6 10.62 15.64 11.16
C ARG A 6 10.84 14.30 10.50
N TYR A 7 12.10 13.92 10.37
CA TYR A 7 12.55 12.59 9.92
C TYR A 7 13.29 11.91 11.06
N PHE A 8 12.94 10.64 11.31
CA PHE A 8 13.60 9.82 12.33
C PHE A 8 14.17 8.60 11.62
N TYR A 9 15.47 8.40 11.79
CA TYR A 9 16.20 7.28 11.24
C TYR A 9 16.79 6.50 12.39
N THR A 10 16.82 5.18 12.23
CA THR A 10 17.41 4.22 13.15
C THR A 10 18.13 3.15 12.35
N SER A 11 19.40 2.90 12.68
CA SER A 11 20.24 1.82 12.12
C SER A 11 20.66 0.96 13.27
N VAL A 12 20.40 -0.34 13.17
CA VAL A 12 20.74 -1.29 14.23
C VAL A 12 21.65 -2.39 13.67
N SER A 13 22.91 -2.47 14.13
CA SER A 13 23.79 -3.56 13.66
C SER A 13 23.31 -4.94 14.20
N ARG A 14 23.56 -6.01 13.47
CA ARG A 14 23.18 -7.36 13.95
C ARG A 14 24.32 -8.32 13.58
N PRO A 15 25.47 -8.24 14.31
CA PRO A 15 26.65 -9.06 13.97
C PRO A 15 26.37 -10.54 13.80
N GLY A 16 26.85 -11.09 12.69
CA GLY A 16 26.63 -12.48 12.32
C GLY A 16 25.35 -12.70 11.52
N ARG A 17 24.25 -11.98 11.92
CA ARG A 17 22.90 -12.05 11.34
C ARG A 17 22.67 -11.13 10.09
N GLY A 18 23.74 -10.66 9.47
CA GLY A 18 23.64 -9.84 8.27
C GLY A 18 23.89 -8.36 8.47
N GLU A 19 23.56 -7.57 7.45
CA GLU A 19 23.74 -6.10 7.41
C GLU A 19 22.81 -5.37 8.39
N PRO A 20 23.16 -4.14 8.83
CA PRO A 20 22.29 -3.43 9.78
C PRO A 20 20.88 -3.20 9.27
N ARG A 21 19.91 -3.22 10.16
CA ARG A 21 18.55 -2.93 9.75
C ARG A 21 18.40 -1.39 9.76
N PHE A 22 17.82 -0.80 8.72
CA PHE A 22 17.62 0.63 8.66
C PHE A 22 16.13 0.96 8.52
N ILE A 23 15.64 1.85 9.39
CA ILE A 23 14.23 2.29 9.38
C ILE A 23 14.18 3.82 9.34
N ALA A 24 13.32 4.35 8.47
CA ALA A 24 13.11 5.80 8.35
C ALA A 24 11.63 6.06 8.41
N VAL A 25 11.25 7.09 9.15
CA VAL A 25 9.86 7.55 9.22
C VAL A 25 9.84 9.07 9.11
N GLY A 26 8.86 9.60 8.39
CA GLY A 26 8.68 11.04 8.25
C GLY A 26 7.34 11.48 8.84
N TYR A 27 7.33 12.60 9.53
CA TYR A 27 6.14 13.16 10.16
C TYR A 27 5.95 14.63 9.82
N VAL A 28 4.69 15.04 9.72
CA VAL A 28 4.29 16.44 9.66
C VAL A 28 3.45 16.54 10.94
N ASP A 29 3.93 17.33 11.91
CA ASP A 29 3.30 17.45 13.24
C ASP A 29 3.26 16.05 13.83
N ASP A 30 2.06 15.55 14.23
CA ASP A 30 1.90 14.21 14.81
C ASP A 30 1.40 13.20 13.77
N THR A 31 1.38 13.57 12.50
CA THR A 31 0.93 12.72 11.40
C THR A 31 2.10 12.05 10.64
N GLN A 32 2.15 10.72 10.63
CA GLN A 32 3.19 10.03 9.84
C GLN A 32 2.82 10.13 8.34
N PHE A 33 3.77 10.43 7.46
CA PHE A 33 3.41 10.52 6.04
C PHE A 33 4.26 9.62 5.12
N VAL A 34 5.42 9.13 5.59
CA VAL A 34 6.30 8.27 4.82
C VAL A 34 7.02 7.33 5.73
N ARG A 35 7.50 6.21 5.16
CA ARG A 35 8.28 5.21 5.85
C ARG A 35 9.18 4.45 4.87
N PHE A 36 10.25 3.92 5.41
CA PHE A 36 11.18 3.04 4.74
C PHE A 36 11.66 2.05 5.81
N ASP A 37 11.68 0.77 5.45
CA ASP A 37 12.21 -0.28 6.30
C ASP A 37 13.07 -1.15 5.39
N SER A 38 14.39 -1.23 5.66
CA SER A 38 15.30 -2.05 4.83
C SER A 38 14.94 -3.55 4.77
N ASP A 39 14.20 -4.07 5.76
CA ASP A 39 13.77 -5.47 5.80
C ASP A 39 12.41 -5.69 5.11
N ALA A 40 11.73 -4.59 4.65
CA ALA A 40 10.44 -4.79 3.98
C ALA A 40 10.68 -5.14 2.48
N ALA A 41 9.67 -5.67 1.84
CA ALA A 41 9.71 -6.14 0.46
C ALA A 41 9.98 -5.03 -0.59
N SER A 42 9.31 -3.88 -0.49
CA SER A 42 9.35 -2.84 -1.52
C SER A 42 10.74 -2.27 -1.83
N GLN A 43 11.60 -2.05 -0.81
CA GLN A 43 12.92 -1.41 -1.00
C GLN A 43 12.72 0.01 -1.50
N ARG A 44 11.57 0.61 -1.17
CA ARG A 44 11.26 2.00 -1.59
C ARG A 44 10.69 2.80 -0.44
N MET A 45 10.77 4.14 -0.54
CA MET A 45 10.09 5.01 0.41
C MET A 45 8.62 4.81 0.06
N GLU A 46 7.77 4.66 1.09
CA GLU A 46 6.34 4.37 0.93
C GLU A 46 5.42 5.46 1.50
N PRO A 47 4.24 5.73 0.87
CA PRO A 47 3.33 6.74 1.44
C PRO A 47 2.60 6.23 2.68
N ARG A 48 2.41 7.08 3.71
CA ARG A 48 1.68 6.72 4.93
C ARG A 48 0.58 7.74 5.25
N ALA A 49 0.41 8.76 4.40
CA ALA A 49 -0.71 9.72 4.52
C ALA A 49 -1.35 9.88 3.12
N PRO A 50 -2.69 10.00 3.00
CA PRO A 50 -3.31 10.07 1.66
C PRO A 50 -2.87 11.23 0.81
N TRP A 51 -2.53 12.37 1.43
CA TRP A 51 -2.12 13.60 0.74
C TRP A 51 -0.71 13.54 0.08
N ILE A 52 0.07 12.51 0.39
CA ILE A 52 1.40 12.34 -0.23
C ILE A 52 1.35 11.36 -1.45
N GLU A 53 0.26 10.58 -1.58
CA GLU A 53 0.10 9.58 -2.66
C GLU A 53 0.16 10.19 -4.04
N GLN A 54 -0.27 11.46 -4.16
CA GLN A 54 -0.33 12.22 -5.41
C GLN A 54 1.06 12.58 -5.94
N GLU A 55 2.10 12.56 -5.06
CA GLU A 55 3.47 12.90 -5.51
C GLU A 55 3.86 11.93 -6.63
N GLY A 56 4.43 12.49 -7.69
CA GLY A 56 4.82 11.74 -8.88
C GLY A 56 6.02 10.81 -8.74
N PRO A 57 6.33 10.04 -9.82
CA PRO A 57 7.43 9.04 -9.74
C PRO A 57 8.80 9.58 -9.36
N GLU A 58 9.13 10.81 -9.81
CA GLU A 58 10.38 11.52 -9.56
C GLU A 58 10.54 11.75 -8.04
N TYR A 59 9.43 12.08 -7.35
CA TYR A 59 9.43 12.29 -5.87
C TYR A 59 9.88 11.03 -5.18
N TRP A 60 9.20 9.91 -5.47
CA TRP A 60 9.47 8.62 -4.84
C TRP A 60 10.83 8.07 -5.13
N ASP A 61 11.34 8.28 -6.36
CA ASP A 61 12.65 7.80 -6.80
C ASP A 61 13.76 8.49 -6.01
N GLN A 62 13.71 9.82 -5.92
CA GLN A 62 14.67 10.60 -5.12
C GLN A 62 14.61 10.29 -3.62
N GLU A 63 13.40 10.15 -3.06
CA GLU A 63 13.27 9.83 -1.62
C GLU A 63 13.85 8.42 -1.38
N THR A 64 13.59 7.46 -2.27
CA THR A 64 14.17 6.11 -2.15
C THR A 64 15.70 6.19 -2.20
N ARG A 65 16.23 6.95 -3.19
CA ARG A 65 17.66 7.16 -3.34
C ARG A 65 18.29 7.71 -2.07
N ASN A 66 17.65 8.70 -1.44
CA ASN A 66 18.16 9.35 -0.23
C ASN A 66 18.20 8.42 0.98
N VAL A 67 17.10 7.66 1.20
CA VAL A 67 17.10 6.77 2.36
C VAL A 67 18.05 5.61 2.17
N LYS A 68 18.29 5.17 0.91
CA LYS A 68 19.25 4.10 0.62
C LYS A 68 20.69 4.52 0.90
N ALA A 69 21.06 5.75 0.48
CA ALA A 69 22.39 6.33 0.72
C ALA A 69 22.55 6.59 2.22
N GLN A 70 21.45 7.01 2.92
CA GLN A 70 21.51 7.21 4.38
C GLN A 70 21.83 5.88 5.09
N SER A 71 21.20 4.79 4.66
CA SER A 71 21.43 3.46 5.22
C SER A 71 22.90 2.99 4.98
N GLN A 72 23.49 3.33 3.82
CA GLN A 72 24.90 3.02 3.50
C GLN A 72 25.87 3.82 4.36
N THR A 73 25.57 5.13 4.56
CA THR A 73 26.35 6.02 5.42
C THR A 73 26.31 5.46 6.87
N ASP A 74 25.10 5.13 7.39
CA ASP A 74 25.01 4.59 8.76
C ASP A 74 25.77 3.28 8.93
N ARG A 75 25.78 2.44 7.91
CA ARG A 75 26.49 1.16 7.88
C ARG A 75 27.99 1.44 8.03
N VAL A 76 28.55 2.43 7.32
CA VAL A 76 29.97 2.73 7.52
C VAL A 76 30.17 3.42 8.87
N ASP A 77 29.23 4.28 9.31
CA ASP A 77 29.35 4.96 10.59
C ASP A 77 29.30 4.00 11.79
N LEU A 78 28.56 2.87 11.68
CA LEU A 78 28.51 1.85 12.74
C LEU A 78 29.91 1.27 13.03
N GLY A 79 30.66 0.93 11.97
CA GLY A 79 32.05 0.48 12.08
C GLY A 79 32.99 1.57 12.58
N THR A 80 32.79 2.84 12.12
CA THR A 80 33.65 3.94 12.58
C THR A 80 33.55 4.17 14.07
N LEU A 81 32.30 4.25 14.56
CA LEU A 81 31.99 4.54 15.96
C LEU A 81 32.39 3.40 16.86
N ARG A 82 32.24 2.15 16.40
CA ARG A 82 32.69 0.95 17.13
C ARG A 82 34.20 1.10 17.41
N GLY A 83 34.95 1.50 16.38
CA GLY A 83 36.38 1.80 16.49
C GLY A 83 36.69 2.95 17.45
N TYR A 84 35.98 4.10 17.36
CA TYR A 84 36.20 5.25 18.28
C TYR A 84 36.06 4.86 19.76
N TYR A 85 35.08 4.00 20.06
CA TYR A 85 34.78 3.56 21.43
C TYR A 85 35.50 2.26 21.80
N ASN A 86 36.33 1.70 20.88
CA ASN A 86 37.12 0.47 21.08
C ASN A 86 36.21 -0.67 21.55
N GLN A 87 35.13 -0.90 20.80
CA GLN A 87 34.11 -1.91 21.13
C GLN A 87 34.32 -3.16 20.29
N SER A 88 33.89 -4.30 20.82
CA SER A 88 33.98 -5.57 20.08
C SER A 88 33.05 -5.61 18.87
N GLU A 89 33.36 -6.55 17.97
CA GLU A 89 32.68 -6.83 16.72
C GLU A 89 31.36 -7.62 16.91
N ASP A 90 31.15 -8.23 18.09
CA ASP A 90 30.02 -9.11 18.39
C ASP A 90 28.73 -8.47 18.90
N GLY A 91 28.83 -7.31 19.55
CA GLY A 91 27.69 -6.63 20.13
C GLY A 91 26.88 -5.82 19.13
N SER A 92 25.56 -5.70 19.37
CA SER A 92 24.66 -4.93 18.52
C SER A 92 24.70 -3.46 18.93
N HIS A 93 24.76 -2.54 17.97
CA HIS A 93 24.82 -1.09 18.23
C HIS A 93 23.80 -0.33 17.42
N THR A 94 23.47 0.90 17.85
CA THR A 94 22.41 1.73 17.29
C THR A 94 22.86 3.12 16.99
N ILE A 95 22.53 3.62 15.79
CA ILE A 95 22.72 5.02 15.44
C ILE A 95 21.31 5.55 15.17
N GLN A 96 20.98 6.68 15.79
CA GLN A 96 19.69 7.32 15.57
C GLN A 96 19.92 8.74 15.16
N ILE A 97 19.15 9.19 14.14
CA ILE A 97 19.22 10.56 13.62
C ILE A 97 17.82 11.17 13.62
N MET A 98 17.72 12.39 14.08
CA MET A 98 16.48 13.12 13.95
C MET A 98 16.82 14.46 13.28
N TYR A 99 16.02 14.89 12.36
CA TYR A 99 16.17 16.24 11.80
C TYR A 99 14.86 16.76 11.31
N GLY A 100 14.80 18.06 11.12
CA GLY A 100 13.61 18.70 10.57
C GLY A 100 13.53 20.17 10.86
N CYS A 101 12.38 20.79 10.52
CA CYS A 101 12.20 22.23 10.65
C CYS A 101 10.83 22.58 11.24
N ASP A 102 10.69 23.80 11.82
CA ASP A 102 9.40 24.26 12.33
C ASP A 102 9.03 25.55 11.63
N VAL A 103 7.72 25.75 11.40
CA VAL A 103 7.22 27.00 10.81
C VAL A 103 6.20 27.62 11.76
N GLY A 104 6.14 28.95 11.78
CA GLY A 104 5.18 29.69 12.59
C GLY A 104 3.80 29.70 11.97
N PRO A 105 2.81 30.36 12.62
CA PRO A 105 1.46 30.42 12.03
C PRO A 105 1.38 31.25 10.75
N ASP A 106 2.35 32.19 10.56
CA ASP A 106 2.46 33.02 9.34
C ASP A 106 3.28 32.31 8.26
N GLY A 107 3.75 31.10 8.57
CA GLY A 107 4.54 30.27 7.66
C GLY A 107 6.04 30.54 7.70
N ARG A 108 6.48 31.48 8.54
CA ARG A 108 7.91 31.79 8.61
C ARG A 108 8.73 30.63 9.15
N PHE A 109 9.98 30.50 8.71
CA PHE A 109 10.90 29.52 9.25
C PHE A 109 11.11 29.92 10.73
N LEU A 110 10.88 28.99 11.69
CA LEU A 110 11.12 29.30 13.10
C LEU A 110 12.45 28.74 13.54
N ARG A 111 12.67 27.42 13.32
CA ARG A 111 13.90 26.73 13.72
C ARG A 111 14.15 25.47 12.95
N GLY A 112 15.40 25.05 12.94
CA GLY A 112 15.83 23.82 12.30
C GLY A 112 16.57 22.97 13.30
N TYR A 113 16.61 21.66 13.04
CA TYR A 113 17.26 20.69 13.96
C TYR A 113 17.95 19.60 13.19
N ARG A 114 19.03 19.07 13.76
CA ARG A 114 19.76 17.90 13.28
C ARG A 114 20.47 17.36 14.50
N GLN A 115 20.03 16.20 14.98
CA GLN A 115 20.63 15.60 16.17
C GLN A 115 20.91 14.15 15.89
N ASP A 116 22.09 13.66 16.29
CA ASP A 116 22.53 12.27 16.10
C ASP A 116 22.92 11.66 17.45
N ALA A 117 22.56 10.38 17.63
CA ALA A 117 22.83 9.63 18.85
C ALA A 117 23.54 8.33 18.55
N TYR A 118 24.23 7.78 19.56
CA TYR A 118 24.89 6.47 19.45
C TYR A 118 24.56 5.70 20.70
N ASP A 119 23.95 4.51 20.53
CA ASP A 119 23.51 3.64 21.64
C ASP A 119 22.58 4.37 22.62
N GLY A 120 21.63 5.14 22.08
CA GLY A 120 20.61 5.84 22.84
C GLY A 120 21.05 7.06 23.61
N LYS A 121 22.26 7.59 23.35
CA LYS A 121 22.73 8.81 24.02
C LYS A 121 23.25 9.85 23.03
N ASP A 122 23.15 11.14 23.38
CA ASP A 122 23.63 12.20 22.49
C ASP A 122 25.04 11.90 21.93
N TYR A 123 25.21 12.10 20.61
CA TYR A 123 26.50 11.91 20.01
C TYR A 123 26.98 13.28 19.48
N ILE A 124 26.27 13.83 18.50
CA ILE A 124 26.61 15.17 17.97
C ILE A 124 25.29 15.89 17.62
N ALA A 125 25.24 17.20 17.78
CA ALA A 125 24.02 17.93 17.47
C ALA A 125 24.33 19.26 16.83
N LEU A 126 23.48 19.68 15.88
CA LEU A 126 23.59 20.99 15.26
C LEU A 126 23.06 22.01 16.26
N ASN A 127 23.80 23.11 16.48
CA ASN A 127 23.34 24.17 17.40
C ASN A 127 22.17 24.95 16.80
N GLU A 128 21.44 25.73 17.61
CA GLU A 128 20.28 26.49 17.16
C GLU A 128 20.58 27.49 16.07
N ASP A 129 21.80 28.03 16.01
CA ASP A 129 22.16 28.99 14.97
C ASP A 129 22.39 28.33 13.59
N LEU A 130 22.42 26.97 13.54
CA LEU A 130 22.63 26.15 12.32
C LEU A 130 23.99 26.37 11.65
N ARG A 131 24.99 26.77 12.43
CA ARG A 131 26.32 27.12 11.91
C ARG A 131 27.46 26.38 12.60
N SER A 132 27.14 25.63 13.65
CA SER A 132 28.13 24.94 14.46
C SER A 132 27.53 23.72 15.13
N TRP A 133 28.40 22.82 15.63
CA TRP A 133 28.05 21.57 16.28
C TRP A 133 28.41 21.50 17.76
N THR A 134 27.69 20.64 18.51
CA THR A 134 28.04 20.30 19.89
C THR A 134 28.27 18.79 19.89
N ALA A 135 29.52 18.38 20.17
CA ALA A 135 29.98 17.00 20.31
C ALA A 135 29.74 16.60 21.78
N ALA A 136 29.11 15.42 22.03
CA ALA A 136 28.80 14.99 23.41
C ALA A 136 30.01 14.55 24.22
N ASP A 137 30.99 13.92 23.58
CA ASP A 137 32.20 13.40 24.20
C ASP A 137 33.41 13.54 23.28
N MET A 138 34.54 12.89 23.65
CA MET A 138 35.80 12.94 22.93
C MET A 138 35.69 12.27 21.53
N ALA A 139 34.98 11.13 21.45
CA ALA A 139 34.74 10.40 20.20
C ALA A 139 33.98 11.27 19.22
N ALA A 140 32.93 11.97 19.67
CA ALA A 140 32.14 12.88 18.83
C ALA A 140 32.94 14.10 18.36
N GLN A 141 33.98 14.49 19.12
CA GLN A 141 34.88 15.61 18.82
C GLN A 141 35.68 15.30 17.51
N ILE A 142 35.98 14.00 17.23
CA ILE A 142 36.62 13.52 15.99
C ILE A 142 35.64 13.82 14.83
N THR A 143 34.36 13.43 15.00
CA THR A 143 33.31 13.66 14.01
C THR A 143 33.16 15.16 13.75
N LYS A 144 33.09 15.97 14.82
CA LYS A 144 32.96 17.41 14.71
C LYS A 144 34.04 18.01 13.80
N ARG A 145 35.33 17.64 13.97
CA ARG A 145 36.44 18.15 13.13
C ARG A 145 36.27 17.75 11.67
N LYS A 146 35.84 16.50 11.42
CA LYS A 146 35.58 16.05 10.04
C LYS A 146 34.37 16.82 9.45
N TRP A 147 33.35 17.11 10.29
CA TRP A 147 32.16 17.80 9.81
C TRP A 147 32.42 19.27 9.54
N GLU A 148 33.36 19.87 10.31
CA GLU A 148 33.79 21.25 10.10
C GLU A 148 34.56 21.37 8.79
N ALA A 149 35.54 20.46 8.54
CA ALA A 149 36.31 20.47 7.30
C ALA A 149 35.41 20.19 6.08
N ALA A 150 34.24 19.56 6.30
CA ALA A 150 33.31 19.20 5.24
C ALA A 150 32.18 20.22 5.02
N HIS A 151 32.16 21.32 5.81
CA HIS A 151 31.12 22.37 5.76
C HIS A 151 29.72 21.72 6.00
N ALA A 152 29.65 20.73 6.89
CA ALA A 152 28.39 20.02 7.16
C ALA A 152 27.31 20.92 7.71
N ALA A 153 27.66 21.92 8.57
CA ALA A 153 26.65 22.83 9.11
C ALA A 153 25.99 23.66 8.01
N GLU A 154 26.80 24.09 7.01
CA GLU A 154 26.37 24.86 5.83
C GLU A 154 25.39 23.97 5.01
N GLN A 155 25.70 22.67 4.87
CA GLN A 155 24.81 21.72 4.18
C GLN A 155 23.45 21.62 4.90
N GLN A 156 23.47 21.48 6.23
CA GLN A 156 22.24 21.34 7.03
C GLN A 156 21.40 22.60 6.94
N ARG A 157 22.03 23.77 7.14
CA ARG A 157 21.34 25.05 7.07
C ARG A 157 20.73 25.26 5.69
N ALA A 158 21.43 24.90 4.60
CA ALA A 158 20.90 25.02 3.23
C ALA A 158 19.66 24.13 3.09
N TYR A 159 19.67 22.91 3.63
CA TYR A 159 18.48 22.05 3.55
C TYR A 159 17.33 22.61 4.44
N LEU A 160 17.63 22.85 5.71
CA LEU A 160 16.66 23.28 6.71
C LEU A 160 15.91 24.57 6.36
N GLU A 161 16.63 25.57 5.80
CA GLU A 161 16.05 26.86 5.44
C GLU A 161 15.51 26.88 4.02
N GLY A 162 15.80 25.85 3.25
CA GLY A 162 15.37 25.77 1.87
C GLY A 162 14.35 24.67 1.69
N ARG A 163 14.78 23.54 1.13
CA ARG A 163 13.96 22.36 0.87
C ARG A 163 13.06 21.92 2.05
N CYS A 164 13.57 21.88 3.30
CA CYS A 164 12.75 21.44 4.45
C CYS A 164 11.49 22.29 4.62
N VAL A 165 11.64 23.60 4.79
CA VAL A 165 10.49 24.46 5.00
C VAL A 165 9.63 24.59 3.77
N GLU A 166 10.22 24.55 2.58
CA GLU A 166 9.39 24.73 1.37
C GLU A 166 8.51 23.54 1.14
N TRP A 167 9.00 22.33 1.39
CA TRP A 167 8.20 21.12 1.25
C TRP A 167 7.22 20.97 2.41
N LEU A 168 7.58 21.37 3.65
CA LEU A 168 6.61 21.38 4.75
C LEU A 168 5.41 22.28 4.38
N ARG A 169 5.69 23.49 3.84
CA ARG A 169 4.60 24.39 3.44
C ARG A 169 3.76 23.76 2.34
N ARG A 170 4.38 23.03 1.37
CA ARG A 170 3.64 22.34 0.32
C ARG A 170 2.70 21.28 0.91
N TYR A 171 3.22 20.40 1.82
CA TYR A 171 2.45 19.34 2.48
C TYR A 171 1.29 19.90 3.26
N LEU A 172 1.51 21.03 3.99
CA LEU A 172 0.46 21.68 4.77
C LEU A 172 -0.68 22.14 3.87
N GLU A 173 -0.36 22.61 2.67
CA GLU A 173 -1.36 22.98 1.67
C GLU A 173 -2.03 21.71 1.08
N ASN A 174 -1.25 20.69 0.70
CA ASN A 174 -1.82 19.46 0.12
C ASN A 174 -2.71 18.68 1.09
N GLY A 175 -2.34 18.64 2.37
CA GLY A 175 -3.13 17.95 3.38
C GLY A 175 -3.91 18.87 4.30
N LYS A 176 -4.29 20.07 3.81
CA LYS A 176 -5.00 21.13 4.56
C LYS A 176 -6.27 20.63 5.27
N GLU A 177 -7.11 19.84 4.56
CA GLU A 177 -8.35 19.27 5.09
C GLU A 177 -8.11 18.49 6.37
N THR A 178 -6.92 17.92 6.55
CA THR A 178 -6.67 17.11 7.74
C THR A 178 -5.56 17.65 8.67
N LEU A 179 -4.48 18.25 8.14
CA LEU A 179 -3.34 18.70 8.94
C LEU A 179 -3.61 19.96 9.72
N GLN A 180 -4.58 20.78 9.26
CA GLN A 180 -4.89 22.05 9.90
C GLN A 180 -5.92 21.94 11.00
N ARG A 181 -6.66 20.80 11.08
CA ARG A 181 -7.67 20.56 12.11
C ARG A 181 -7.08 20.35 13.48
N THR A 182 -7.88 20.59 14.51
CA THR A 182 -7.57 20.31 15.90
C THR A 182 -8.82 19.62 16.42
N ASP A 183 -8.67 18.43 16.95
CA ASP A 183 -9.78 17.69 17.53
C ASP A 183 -9.67 17.84 19.03
N PRO A 184 -10.66 18.50 19.68
CA PRO A 184 -10.54 18.68 21.13
C PRO A 184 -10.74 17.35 21.85
N PRO A 185 -10.17 17.18 23.06
CA PRO A 185 -10.42 15.92 23.80
C PRO A 185 -11.88 15.77 24.25
N LYS A 186 -12.38 14.56 24.23
CA LYS A 186 -13.67 14.22 24.81
C LYS A 186 -13.22 13.74 26.21
N THR A 187 -13.68 14.42 27.24
CA THR A 187 -13.26 14.12 28.59
C THR A 187 -14.37 13.49 29.44
N HIS A 188 -13.97 12.71 30.43
CA HIS A 188 -14.88 12.10 31.41
C HIS A 188 -14.06 11.68 32.59
N MET A 189 -14.73 11.42 33.72
CA MET A 189 -14.01 10.98 34.92
C MET A 189 -14.56 9.64 35.37
N THR A 190 -13.69 8.77 35.89
CA THR A 190 -14.08 7.47 36.43
C THR A 190 -13.71 7.46 37.93
N HIS A 191 -14.41 6.66 38.72
CA HIS A 191 -14.21 6.56 40.16
C HIS A 191 -14.15 5.10 40.55
N HIS A 192 -13.12 4.71 41.29
CA HIS A 192 -12.96 3.32 41.72
C HIS A 192 -12.60 3.25 43.21
N PRO A 193 -13.49 2.67 44.05
CA PRO A 193 -13.14 2.46 45.47
C PRO A 193 -11.98 1.46 45.51
N ILE A 194 -10.92 1.73 46.28
CA ILE A 194 -9.75 0.83 46.38
C ILE A 194 -9.68 0.18 47.76
N SER A 195 -10.57 0.63 48.68
CA SER A 195 -10.76 0.16 50.07
C SER A 195 -11.98 0.85 50.64
N ASP A 196 -12.25 0.68 51.94
CA ASP A 196 -13.40 1.32 52.60
C ASP A 196 -13.15 2.80 52.96
N HIS A 197 -11.92 3.29 52.83
CA HIS A 197 -11.64 4.71 53.14
C HIS A 197 -10.87 5.47 52.04
N GLU A 198 -10.67 4.83 50.87
CA GLU A 198 -9.92 5.44 49.75
C GLU A 198 -10.48 5.09 48.38
N ALA A 199 -10.30 6.00 47.42
CA ALA A 199 -10.78 5.80 46.04
C ALA A 199 -9.84 6.44 45.03
N THR A 200 -9.81 5.89 43.84
CA THR A 200 -9.07 6.43 42.71
C THR A 200 -10.08 7.26 41.88
N LEU A 201 -9.66 8.44 41.45
CA LEU A 201 -10.37 9.29 40.51
C LEU A 201 -9.44 9.33 39.29
N ARG A 202 -9.98 9.02 38.14
CA ARG A 202 -9.22 9.01 36.91
C ARG A 202 -9.86 9.96 35.93
N CYS A 203 -9.10 10.94 35.47
CA CYS A 203 -9.54 11.98 34.50
C CYS A 203 -9.09 11.49 33.12
N TRP A 204 -10.02 11.36 32.15
CA TRP A 204 -9.75 10.84 30.83
C TRP A 204 -9.84 11.88 29.77
N ALA A 205 -8.92 11.84 28.79
CA ALA A 205 -8.98 12.69 27.59
C ALA A 205 -8.79 11.76 26.38
N LEU A 206 -9.81 11.68 25.48
CA LEU A 206 -9.82 10.81 24.30
C LEU A 206 -10.14 11.57 23.00
N GLY A 207 -9.62 11.05 21.89
CA GLY A 207 -9.84 11.52 20.53
C GLY A 207 -9.30 12.90 20.21
N PHE A 208 -8.21 13.29 20.87
CA PHE A 208 -7.66 14.62 20.59
C PHE A 208 -6.50 14.63 19.54
N TYR A 209 -6.29 15.78 18.90
CA TYR A 209 -5.18 16.00 17.96
C TYR A 209 -4.91 17.51 17.89
N PRO A 210 -3.65 18.02 17.99
CA PRO A 210 -2.36 17.32 18.13
C PRO A 210 -2.22 16.61 19.47
N ALA A 211 -1.15 15.83 19.65
CA ALA A 211 -0.88 15.01 20.84
C ALA A 211 -0.62 15.84 22.11
N GLU A 212 -0.12 17.07 21.97
CA GLU A 212 0.21 17.96 23.09
C GLU A 212 -1.04 18.20 23.98
N ILE A 213 -0.95 17.85 25.27
CA ILE A 213 -2.06 18.01 26.21
C ILE A 213 -1.56 18.17 27.66
N THR A 214 -2.33 18.87 28.51
CA THR A 214 -1.95 18.96 29.92
C THR A 214 -3.12 18.57 30.77
N LEU A 215 -2.92 17.56 31.65
CA LEU A 215 -3.92 17.15 32.61
C LEU A 215 -3.36 17.48 34.00
N THR A 216 -4.04 18.33 34.75
CA THR A 216 -3.53 18.69 36.08
C THR A 216 -4.58 18.49 37.18
N TRP A 217 -4.19 17.83 38.29
CA TRP A 217 -5.07 17.60 39.45
C TRP A 217 -4.81 18.63 40.58
N GLN A 218 -5.89 19.15 41.16
CA GLN A 218 -5.78 20.03 42.32
C GLN A 218 -6.71 19.53 43.45
N ARG A 219 -6.29 19.71 44.70
CA ARG A 219 -7.08 19.44 45.90
C ARG A 219 -7.26 20.81 46.59
N ASP A 220 -8.52 21.25 46.85
CA ASP A 220 -8.82 22.56 47.48
C ASP A 220 -7.99 23.67 46.79
N GLY A 221 -7.90 23.60 45.46
CA GLY A 221 -7.13 24.53 44.65
C GLY A 221 -5.61 24.40 44.63
N GLU A 222 -5.03 23.45 45.36
CA GLU A 222 -3.57 23.26 45.42
C GLU A 222 -3.15 22.11 44.48
N ASP A 223 -2.14 22.37 43.62
CA ASP A 223 -1.64 21.41 42.64
C ASP A 223 -1.13 20.12 43.28
N GLN A 224 -1.55 18.99 42.73
CA GLN A 224 -1.23 17.67 43.26
C GLN A 224 -0.22 16.90 42.42
N THR A 225 0.81 16.34 43.07
CA THR A 225 1.89 15.51 42.51
C THR A 225 2.09 14.31 43.47
N GLN A 226 1.32 14.34 44.57
CA GLN A 226 1.22 13.31 45.60
C GLN A 226 0.05 12.48 45.09
N ASP A 227 0.33 11.23 44.72
CA ASP A 227 -0.61 10.24 44.15
C ASP A 227 -0.95 10.50 42.66
N THR A 228 -0.45 11.61 42.03
CA THR A 228 -0.77 11.85 40.61
C THR A 228 -0.04 10.88 39.64
N GLU A 229 -0.76 9.79 39.25
CA GLU A 229 -0.28 8.83 38.26
C GLU A 229 -0.71 9.40 36.89
N LEU A 230 0.25 9.65 36.02
CA LEU A 230 0.07 10.24 34.70
C LEU A 230 0.72 9.35 33.63
N VAL A 231 -0.10 8.72 32.77
CA VAL A 231 0.42 7.89 31.69
C VAL A 231 0.91 8.73 30.51
N GLU A 232 1.81 8.16 29.69
CA GLU A 232 2.31 8.78 28.47
C GLU A 232 1.14 8.88 27.48
N THR A 233 1.06 9.99 26.74
CA THR A 233 0.06 10.19 25.70
C THR A 233 0.24 9.06 24.69
N ARG A 234 -0.84 8.40 24.34
CA ARG A 234 -0.75 7.23 23.50
C ARG A 234 -1.63 7.38 22.26
N PRO A 235 -1.22 6.78 21.12
CA PRO A 235 -2.07 6.88 19.91
C PRO A 235 -3.31 5.99 19.98
N ALA A 236 -4.45 6.47 19.48
CA ALA A 236 -5.66 5.65 19.37
C ALA A 236 -5.54 4.66 18.16
N GLY A 237 -4.77 5.06 17.14
CA GLY A 237 -4.52 4.28 15.93
C GLY A 237 -5.28 4.81 14.74
N ASP A 238 -6.15 5.79 14.96
CA ASP A 238 -6.94 6.44 13.92
C ASP A 238 -6.45 7.89 13.66
N GLY A 239 -5.31 8.26 14.21
CA GLY A 239 -4.80 9.62 14.03
C GLY A 239 -5.06 10.51 15.21
N THR A 240 -5.74 10.00 16.26
CA THR A 240 -5.99 10.77 17.49
C THR A 240 -5.21 10.20 18.62
N PHE A 241 -5.20 10.91 19.76
CA PHE A 241 -4.40 10.52 20.90
C PHE A 241 -5.26 10.39 22.19
N GLN A 242 -4.73 9.71 23.20
CA GLN A 242 -5.45 9.51 24.45
C GLN A 242 -4.50 9.72 25.61
N LYS A 243 -5.05 10.11 26.76
CA LYS A 243 -4.25 10.27 27.98
C LYS A 243 -5.18 10.20 29.20
N TRP A 244 -4.61 9.81 30.36
CA TRP A 244 -5.33 9.85 31.63
C TRP A 244 -4.39 10.22 32.76
N ALA A 245 -4.96 10.81 33.84
CA ALA A 245 -4.27 11.20 35.09
C ALA A 245 -5.18 10.73 36.20
N ALA A 246 -4.59 10.05 37.19
CA ALA A 246 -5.38 9.54 38.29
C ALA A 246 -4.80 10.00 39.60
N VAL A 247 -5.69 10.14 40.59
CA VAL A 247 -5.33 10.54 41.95
C VAL A 247 -6.03 9.59 42.92
N VAL A 248 -5.37 9.27 44.05
CA VAL A 248 -5.92 8.50 45.15
C VAL A 248 -6.44 9.49 46.20
N VAL A 249 -7.72 9.40 46.55
CA VAL A 249 -8.40 10.36 47.44
C VAL A 249 -9.06 9.69 48.65
N PRO A 250 -9.27 10.43 49.78
CA PRO A 250 -10.03 9.85 50.91
C PRO A 250 -11.50 9.73 50.54
N SER A 251 -12.13 8.61 50.90
CA SER A 251 -13.55 8.37 50.61
C SER A 251 -14.37 9.45 51.27
N GLY A 252 -15.28 10.04 50.51
CA GLY A 252 -16.13 11.14 50.99
C GLY A 252 -15.55 12.52 50.65
N GLU A 253 -14.28 12.59 50.18
CA GLU A 253 -13.64 13.88 49.83
C GLU A 253 -13.42 14.10 48.34
N GLU A 254 -14.07 13.27 47.50
CA GLU A 254 -13.96 13.32 46.03
C GLU A 254 -14.22 14.74 45.44
N GLN A 255 -15.17 15.47 46.03
CA GLN A 255 -15.54 16.79 45.53
C GLN A 255 -14.52 17.88 45.87
N ARG A 256 -13.46 17.56 46.59
CA ARG A 256 -12.44 18.57 46.85
C ARG A 256 -11.36 18.57 45.75
N TYR A 257 -11.54 17.72 44.71
CA TYR A 257 -10.59 17.53 43.61
C TYR A 257 -11.15 17.97 42.28
N THR A 258 -10.28 18.50 41.44
CA THR A 258 -10.61 18.90 40.08
C THR A 258 -9.46 18.54 39.18
N CYS A 259 -9.77 18.16 37.97
CA CYS A 259 -8.79 17.86 36.93
C CYS A 259 -8.94 18.96 35.86
N HIS A 260 -7.88 19.70 35.57
CA HIS A 260 -7.87 20.81 34.60
C HIS A 260 -7.20 20.34 33.32
N VAL A 261 -7.92 20.42 32.20
CA VAL A 261 -7.49 19.93 30.88
C VAL A 261 -7.16 21.08 29.95
N GLN A 262 -5.90 21.12 29.46
CA GLN A 262 -5.49 22.15 28.49
C GLN A 262 -5.10 21.49 27.19
N HIS A 263 -5.72 21.93 26.10
CA HIS A 263 -5.48 21.47 24.74
C HIS A 263 -5.83 22.60 23.79
N GLU A 264 -5.02 22.75 22.70
CA GLU A 264 -5.12 23.72 21.60
C GLU A 264 -6.51 23.74 20.94
N GLY A 265 -7.14 22.56 20.83
CA GLY A 265 -8.45 22.41 20.21
C GLY A 265 -9.62 22.79 21.10
N LEU A 266 -9.36 23.12 22.39
CA LEU A 266 -10.43 23.49 23.30
C LEU A 266 -10.73 24.99 23.21
N PRO A 267 -12.01 25.37 22.95
CA PRO A 267 -12.39 26.80 22.94
C PRO A 267 -11.91 27.54 24.20
N LYS A 268 -11.99 26.84 25.37
CA LYS A 268 -11.51 27.31 26.67
C LYS A 268 -11.07 26.08 27.49
N PRO A 269 -9.98 26.17 28.32
CA PRO A 269 -9.59 25.00 29.13
C PRO A 269 -10.74 24.45 29.99
N LEU A 270 -10.77 23.14 30.17
CA LEU A 270 -11.84 22.50 30.93
C LEU A 270 -11.42 22.17 32.33
N THR A 271 -12.39 22.16 33.26
CA THR A 271 -12.23 21.73 34.64
C THR A 271 -13.28 20.64 34.81
N LEU A 272 -12.84 19.45 35.25
CA LEU A 272 -13.63 18.24 35.46
C LEU A 272 -13.61 17.94 36.94
N ARG A 273 -14.69 17.34 37.44
CA ARG A 273 -14.80 16.98 38.85
C ARG A 273 -15.74 15.80 38.99
N TRP A 274 -15.68 15.12 40.14
CA TRP A 274 -16.58 13.99 40.38
C TRP A 274 -17.88 14.56 40.97
N GLU A 275 -19.01 14.32 40.28
CA GLU A 275 -20.32 14.81 40.72
C GLU A 275 -21.00 13.87 41.71
N MET B 1 25.73 -1.16 27.22
CA MET B 1 25.25 0.22 27.33
C MET B 1 24.11 0.33 28.34
N ILE B 2 23.48 1.52 28.39
CA ILE B 2 22.33 1.80 29.25
C ILE B 2 21.07 1.23 28.57
N GLN B 3 20.37 0.36 29.28
CA GLN B 3 19.14 -0.28 28.81
C GLN B 3 17.95 0.33 29.53
N ARG B 4 16.84 0.58 28.79
CA ARG B 4 15.61 1.17 29.33
C ARG B 4 14.45 0.22 29.13
N THR B 5 13.63 0.01 30.16
CA THR B 5 12.55 -0.96 30.12
C THR B 5 11.27 -0.37 29.49
N PRO B 6 10.51 -1.16 28.68
CA PRO B 6 9.28 -0.62 28.09
C PRO B 6 8.17 -0.37 29.10
N LYS B 7 7.40 0.71 28.89
CA LYS B 7 6.16 1.05 29.58
C LYS B 7 5.08 0.44 28.66
N ILE B 8 4.16 -0.36 29.22
CA ILE B 8 3.13 -1.07 28.43
C ILE B 8 1.74 -0.55 28.74
N GLN B 9 0.95 -0.24 27.72
CA GLN B 9 -0.46 0.18 27.86
C GLN B 9 -1.31 -0.67 26.88
N VAL B 10 -2.39 -1.29 27.38
CA VAL B 10 -3.34 -2.12 26.59
C VAL B 10 -4.64 -1.40 26.66
N TYR B 11 -5.25 -1.12 25.49
CA TYR B 11 -6.45 -0.29 25.44
C TYR B 11 -7.17 -0.40 24.14
N SER B 12 -8.42 0.01 24.12
CA SER B 12 -9.18 -0.03 22.87
C SER B 12 -9.13 1.33 22.16
N ARG B 13 -9.13 1.30 20.82
CA ARG B 13 -9.13 2.55 20.01
C ARG B 13 -10.33 3.48 20.38
N HIS B 14 -11.54 2.89 20.50
CA HIS B 14 -12.80 3.56 20.81
C HIS B 14 -13.39 2.99 22.11
N PRO B 15 -14.27 3.71 22.86
CA PRO B 15 -14.85 3.12 24.07
C PRO B 15 -15.48 1.76 23.72
N ALA B 16 -15.17 0.72 24.51
CA ALA B 16 -15.65 -0.61 24.18
C ALA B 16 -17.13 -0.82 24.42
N GLU B 17 -17.79 -1.38 23.41
CA GLU B 17 -19.20 -1.73 23.42
C GLU B 17 -19.28 -3.15 22.85
N ASN B 18 -19.88 -4.07 23.63
CA ASN B 18 -20.00 -5.49 23.26
C ASN B 18 -20.76 -5.64 21.94
N GLY B 19 -20.21 -6.44 21.05
CA GLY B 19 -20.80 -6.67 19.73
C GLY B 19 -20.48 -5.62 18.69
N LYS B 20 -19.78 -4.53 19.08
CA LYS B 20 -19.39 -3.44 18.16
C LYS B 20 -17.92 -3.56 17.78
N SER B 21 -17.60 -3.52 16.47
CA SER B 21 -16.23 -3.65 15.94
C SER B 21 -15.30 -2.51 16.44
N ASN B 22 -14.01 -2.82 16.71
CA ASN B 22 -13.05 -1.87 17.32
C ASN B 22 -11.64 -2.38 17.05
N PHE B 23 -10.64 -1.77 17.72
CA PHE B 23 -9.24 -2.15 17.64
C PHE B 23 -8.67 -2.23 19.01
N LEU B 24 -7.97 -3.31 19.27
CA LEU B 24 -7.24 -3.56 20.50
C LEU B 24 -5.79 -3.15 20.27
N ASN B 25 -5.29 -2.29 21.17
CA ASN B 25 -3.95 -1.73 21.08
C ASN B 25 -3.05 -2.13 22.20
N CYS B 26 -1.80 -2.27 21.86
CA CYS B 26 -0.74 -2.42 22.81
C CYS B 26 0.34 -1.46 22.44
N TYR B 27 0.49 -0.41 23.23
CA TYR B 27 1.50 0.63 23.04
C TYR B 27 2.66 0.41 23.98
N VAL B 28 3.87 0.27 23.43
CA VAL B 28 5.12 0.09 24.19
C VAL B 28 6.03 1.28 23.93
N SER B 29 6.50 1.92 25.00
CA SER B 29 7.31 3.12 24.87
C SER B 29 8.43 3.16 25.92
N GLY B 30 9.38 4.10 25.76
CA GLY B 30 10.48 4.35 26.69
C GLY B 30 11.51 3.23 26.74
N PHE B 31 11.61 2.42 25.73
CA PHE B 31 12.59 1.34 25.81
C PHE B 31 13.84 1.54 24.91
N HIS B 32 14.96 0.91 25.35
CA HIS B 32 16.24 0.87 24.60
C HIS B 32 16.98 -0.39 25.05
N PRO B 33 17.52 -1.27 24.16
CA PRO B 33 17.53 -1.23 22.69
C PRO B 33 16.17 -1.50 22.02
N SER B 34 16.10 -1.32 20.71
CA SER B 34 14.90 -1.46 19.88
C SER B 34 14.31 -2.88 19.73
N ASP B 35 15.12 -3.94 19.87
CA ASP B 35 14.57 -5.30 19.71
C ASP B 35 13.55 -5.58 20.85
N ILE B 36 12.34 -5.96 20.46
CA ILE B 36 11.23 -6.21 21.39
C ILE B 36 10.27 -7.22 20.81
N GLU B 37 9.72 -8.09 21.68
CA GLU B 37 8.72 -9.07 21.26
C GLU B 37 7.39 -8.66 21.92
N VAL B 38 6.38 -8.47 21.09
CA VAL B 38 5.04 -8.07 21.54
C VAL B 38 4.01 -9.00 20.93
N ASP B 39 3.18 -9.63 21.79
CA ASP B 39 2.07 -10.49 21.37
C ASP B 39 0.75 -9.99 21.96
N LEU B 40 -0.28 -9.93 21.14
CA LEU B 40 -1.61 -9.60 21.64
C LEU B 40 -2.29 -10.96 21.91
N LEU B 41 -2.84 -11.13 23.13
CA LEU B 41 -3.48 -12.40 23.52
C LEU B 41 -4.98 -12.28 23.73
N LYS B 42 -5.72 -13.34 23.32
CA LYS B 42 -7.17 -13.52 23.48
C LYS B 42 -7.37 -14.81 24.28
N ASN B 43 -7.84 -14.68 25.53
CA ASN B 43 -8.09 -15.81 26.42
C ASN B 43 -6.80 -16.65 26.57
N GLY B 44 -5.69 -15.96 26.84
CA GLY B 44 -4.36 -16.54 27.04
C GLY B 44 -3.57 -16.92 25.80
N GLU B 45 -4.23 -17.03 24.63
CA GLU B 45 -3.60 -17.45 23.36
C GLU B 45 -3.29 -16.29 22.42
N ARG B 46 -2.22 -16.45 21.63
CA ARG B 46 -1.71 -15.49 20.66
C ARG B 46 -2.67 -15.23 19.52
N ILE B 47 -2.92 -13.93 19.24
CA ILE B 47 -3.77 -13.50 18.12
C ILE B 47 -2.85 -13.44 16.88
N GLU B 48 -3.28 -14.03 15.77
CA GLU B 48 -2.54 -13.99 14.50
C GLU B 48 -3.10 -12.77 13.75
N LYS B 49 -2.36 -12.21 12.79
CA LYS B 49 -2.81 -11.02 12.05
C LYS B 49 -2.84 -9.78 12.98
N VAL B 50 -1.73 -9.55 13.66
CA VAL B 50 -1.55 -8.40 14.51
C VAL B 50 -0.64 -7.47 13.68
N GLU B 51 -1.04 -6.22 13.49
CA GLU B 51 -0.23 -5.24 12.77
C GLU B 51 0.58 -4.37 13.75
N HIS B 52 1.64 -3.69 13.26
CA HIS B 52 2.46 -2.83 14.11
C HIS B 52 3.00 -1.63 13.36
N SER B 53 3.25 -0.54 14.09
CA SER B 53 3.75 0.72 13.58
C SER B 53 5.23 0.64 13.18
N ASP B 54 5.72 1.63 12.43
CA ASP B 54 7.13 1.67 12.08
C ASP B 54 7.89 2.30 13.26
N LEU B 55 8.98 1.67 13.66
CA LEU B 55 9.85 2.09 14.75
C LEU B 55 10.21 3.55 14.73
N SER B 56 9.92 4.24 15.83
CA SER B 56 10.29 5.65 15.97
C SER B 56 10.76 5.89 17.39
N PHE B 57 11.19 7.11 17.72
CA PHE B 57 11.73 7.39 19.04
C PHE B 57 11.41 8.79 19.49
N SER B 58 11.47 9.02 20.81
CA SER B 58 11.20 10.29 21.48
C SER B 58 12.51 11.10 21.66
N LYS B 59 12.39 12.32 22.21
CA LYS B 59 13.48 13.26 22.49
C LYS B 59 14.61 12.59 23.26
N ASP B 60 14.29 11.75 24.27
CA ASP B 60 15.33 11.06 25.05
C ASP B 60 15.95 9.87 24.32
N TRP B 61 15.61 9.67 23.01
CA TRP B 61 16.09 8.61 22.12
C TRP B 61 15.43 7.24 22.36
N SER B 62 14.53 7.13 23.37
CA SER B 62 13.88 5.86 23.64
C SER B 62 12.82 5.53 22.59
N PHE B 63 12.72 4.25 22.23
CA PHE B 63 11.78 3.80 21.21
C PHE B 63 10.34 3.63 21.66
N TYR B 64 9.42 3.63 20.67
CA TYR B 64 8.00 3.36 20.85
C TYR B 64 7.39 2.70 19.61
N LEU B 65 6.44 1.82 19.86
CA LEU B 65 5.72 1.02 18.86
C LEU B 65 4.32 0.80 19.32
N LEU B 66 3.41 0.74 18.36
CA LEU B 66 2.03 0.41 18.59
C LEU B 66 1.72 -0.90 17.85
N TYR B 67 1.19 -1.87 18.59
CA TYR B 67 0.76 -3.16 18.04
C TYR B 67 -0.75 -3.12 18.15
N TYR B 68 -1.43 -3.58 17.09
CA TYR B 68 -2.89 -3.51 17.05
C TYR B 68 -3.53 -4.60 16.23
N THR B 69 -4.83 -4.83 16.48
CA THR B 69 -5.65 -5.82 15.80
C THR B 69 -7.10 -5.45 15.88
N GLU B 70 -7.84 -5.66 14.79
CA GLU B 70 -9.27 -5.43 14.76
C GLU B 70 -9.91 -6.52 15.65
N PHE B 71 -10.95 -6.16 16.45
CA PHE B 71 -11.63 -7.10 17.34
C PHE B 71 -13.03 -6.61 17.70
N THR B 72 -13.91 -7.53 18.08
CA THR B 72 -15.25 -7.25 18.53
C THR B 72 -15.27 -7.69 20.01
N PRO B 73 -15.34 -6.76 20.98
CA PRO B 73 -15.32 -7.17 22.39
C PRO B 73 -16.62 -7.86 22.80
N THR B 74 -16.51 -8.79 23.75
CA THR B 74 -17.67 -9.43 24.36
C THR B 74 -17.40 -9.31 25.86
N GLU B 75 -18.43 -9.54 26.67
CA GLU B 75 -18.34 -9.54 28.13
C GLU B 75 -17.39 -10.63 28.63
N LYS B 76 -17.34 -11.79 27.94
CA LYS B 76 -16.56 -12.94 28.40
C LYS B 76 -15.14 -13.04 27.86
N ASP B 77 -14.81 -12.34 26.75
CA ASP B 77 -13.45 -12.45 26.21
C ASP B 77 -12.42 -11.64 26.96
N GLU B 78 -11.32 -12.30 27.35
CA GLU B 78 -10.22 -11.65 28.07
C GLU B 78 -9.06 -11.33 27.11
N TYR B 79 -8.61 -10.09 27.12
CA TYR B 79 -7.54 -9.63 26.26
C TYR B 79 -6.36 -9.18 27.06
N ALA B 80 -5.17 -9.39 26.48
CA ALA B 80 -3.94 -9.03 27.15
C ALA B 80 -2.87 -8.84 26.13
N CYS B 81 -1.75 -8.34 26.59
CA CYS B 81 -0.61 -8.10 25.75
C CYS B 81 0.64 -8.63 26.45
N ARG B 82 1.43 -9.46 25.77
CA ARG B 82 2.65 -10.04 26.37
C ARG B 82 3.88 -9.42 25.75
N VAL B 83 4.74 -8.87 26.59
CA VAL B 83 5.95 -8.17 26.13
C VAL B 83 7.22 -8.81 26.69
N ASN B 84 8.19 -9.08 25.80
CA ASN B 84 9.53 -9.48 26.21
C ASN B 84 10.57 -8.48 25.65
N HIS B 85 11.59 -8.19 26.45
CA HIS B 85 12.67 -7.25 26.14
C HIS B 85 13.86 -7.71 26.98
N VAL B 86 15.08 -7.46 26.49
CA VAL B 86 16.35 -7.79 27.16
C VAL B 86 16.39 -7.31 28.65
N THR B 87 15.68 -6.21 28.99
CA THR B 87 15.61 -5.63 30.34
C THR B 87 14.70 -6.42 31.29
N LEU B 88 13.93 -7.37 30.75
CA LEU B 88 12.96 -8.16 31.52
C LEU B 88 13.44 -9.57 31.83
N SER B 89 13.39 -9.95 33.13
CA SER B 89 13.73 -11.29 33.64
C SER B 89 12.86 -12.34 32.92
N GLN B 90 11.56 -12.02 32.71
CA GLN B 90 10.59 -12.89 32.04
C GLN B 90 9.49 -12.05 31.34
N PRO B 91 8.74 -12.61 30.36
CA PRO B 91 7.69 -11.82 29.70
C PRO B 91 6.70 -11.15 30.65
N LYS B 92 6.33 -9.91 30.34
CA LYS B 92 5.39 -9.14 31.15
C LYS B 92 4.05 -9.14 30.46
N ILE B 93 3.01 -9.56 31.19
CA ILE B 93 1.65 -9.60 30.68
C ILE B 93 0.83 -8.49 31.32
N VAL B 94 0.20 -7.65 30.48
CA VAL B 94 -0.65 -6.56 30.92
C VAL B 94 -2.02 -6.86 30.37
N LYS B 95 -3.02 -6.95 31.26
CA LYS B 95 -4.38 -7.30 30.89
C LYS B 95 -5.18 -6.09 30.46
N TRP B 96 -6.05 -6.23 29.44
CA TRP B 96 -6.92 -5.13 29.04
C TRP B 96 -8.04 -4.99 30.07
N ASP B 97 -8.19 -3.78 30.65
CA ASP B 97 -9.22 -3.43 31.60
C ASP B 97 -10.06 -2.29 31.01
N ARG B 98 -11.20 -2.63 30.42
CA ARG B 98 -12.09 -1.66 29.76
C ARG B 98 -12.70 -0.59 30.68
N ASP B 99 -12.80 -0.90 31.97
CA ASP B 99 -13.43 -0.06 32.98
C ASP B 99 -12.54 0.97 33.65
N MET B 100 -11.24 1.02 33.35
CA MET B 100 -10.30 1.97 33.98
C MET B 100 -10.83 3.44 34.12
N LYS C 1 10.23 16.19 2.25
CA LYS C 1 11.38 15.82 1.40
C LYS C 1 12.58 15.57 2.32
N THR C 2 13.23 14.41 2.22
CA THR C 2 14.43 14.12 3.00
C THR C 2 15.63 14.93 2.56
N ASN C 3 16.68 15.00 3.40
CA ASN C 3 17.90 15.69 2.99
C ASN C 3 18.81 14.70 2.25
N GLY C 4 19.23 15.08 1.05
CA GLY C 4 20.18 14.29 0.28
C GLY C 4 21.54 14.96 0.10
N ASN C 5 21.88 15.97 0.93
CA ASN C 5 23.14 16.71 0.70
C ASN C 5 24.22 16.50 1.75
N ALA C 6 23.96 15.65 2.76
CA ALA C 6 24.90 15.49 3.85
C ALA C 6 25.17 14.04 4.23
N PHE C 7 25.61 13.22 3.24
CA PHE C 7 26.00 11.82 3.51
C PHE C 7 27.48 11.85 3.84
N ILE C 8 27.82 12.57 4.92
CA ILE C 8 29.21 12.78 5.29
C ILE C 8 29.50 11.87 6.46
N GLY C 9 30.50 11.01 6.27
CA GLY C 9 30.91 10.02 7.26
C GLY C 9 31.31 10.62 8.58
N LYS C 10 30.95 9.93 9.68
CA LYS C 10 31.31 10.35 11.02
C LYS C 10 32.80 10.00 11.28
N GLY D 1 -16.29 -12.94 -37.68
CA GLY D 1 -15.43 -11.81 -37.38
C GLY D 1 -13.95 -12.18 -37.27
N SER D 2 -13.12 -11.19 -36.89
CA SER D 2 -11.67 -11.36 -36.72
C SER D 2 -11.33 -12.02 -35.37
N HIS D 3 -10.25 -12.79 -35.28
CA HIS D 3 -9.89 -13.46 -34.03
C HIS D 3 -8.44 -13.30 -33.67
N SER D 4 -8.12 -13.60 -32.39
CA SER D 4 -6.76 -13.51 -31.91
C SER D 4 -6.42 -14.58 -30.89
N MET D 5 -5.13 -14.90 -30.78
CA MET D 5 -4.67 -15.83 -29.77
C MET D 5 -3.53 -15.13 -29.06
N ARG D 6 -3.56 -15.07 -27.70
CA ARG D 6 -2.45 -14.38 -27.00
C ARG D 6 -2.00 -15.17 -25.80
N TYR D 7 -0.70 -15.12 -25.47
CA TYR D 7 -0.13 -15.70 -24.23
C TYR D 7 0.48 -14.56 -23.43
N PHE D 8 0.26 -14.55 -22.12
CA PHE D 8 0.76 -13.50 -21.24
C PHE D 8 1.57 -14.16 -20.14
N TYR D 9 2.84 -13.80 -20.01
CA TYR D 9 3.72 -14.38 -18.99
C TYR D 9 4.19 -13.29 -18.07
N THR D 10 4.27 -13.58 -16.77
CA THR D 10 4.77 -12.67 -15.73
C THR D 10 5.69 -13.47 -14.83
N SER D 11 6.90 -12.96 -14.63
CA SER D 11 7.86 -13.52 -13.67
C SER D 11 8.21 -12.41 -12.73
N VAL D 12 8.12 -12.66 -11.44
CA VAL D 12 8.41 -11.67 -10.38
C VAL D 12 9.44 -12.27 -9.42
N SER D 13 10.64 -11.66 -9.28
CA SER D 13 11.60 -12.20 -8.32
C SER D 13 11.10 -11.90 -6.91
N ARG D 14 11.49 -12.75 -5.95
CA ARG D 14 11.04 -12.65 -4.57
C ARG D 14 12.31 -12.82 -3.70
N PRO D 15 13.32 -11.88 -3.72
CA PRO D 15 14.57 -12.08 -2.93
C PRO D 15 14.40 -12.52 -1.49
N GLY D 16 15.09 -13.59 -1.14
CA GLY D 16 15.05 -14.21 0.18
C GLY D 16 13.72 -14.90 0.50
N ARG D 17 12.90 -15.19 -0.53
CA ARG D 17 11.58 -15.82 -0.38
C ARG D 17 11.35 -16.94 -1.40
N GLY D 18 12.44 -17.40 -2.03
CA GLY D 18 12.40 -18.50 -2.99
C GLY D 18 12.52 -18.09 -4.44
N GLU D 19 12.17 -19.02 -5.31
CA GLU D 19 12.22 -18.84 -6.74
C GLU D 19 11.21 -17.75 -7.21
N PRO D 20 11.47 -17.08 -8.36
CA PRO D 20 10.47 -16.12 -8.87
C PRO D 20 9.12 -16.77 -9.02
N ARG D 21 8.08 -15.99 -8.81
CA ARG D 21 6.70 -16.37 -9.05
C ARG D 21 6.53 -16.31 -10.58
N PHE D 22 6.01 -17.35 -11.21
CA PHE D 22 5.78 -17.40 -12.64
C PHE D 22 4.31 -17.68 -12.90
N ILE D 23 3.66 -16.82 -13.68
CA ILE D 23 2.27 -17.03 -14.09
C ILE D 23 2.19 -16.96 -15.62
N ALA D 24 1.48 -17.91 -16.25
CA ALA D 24 1.21 -17.90 -17.68
C ALA D 24 -0.28 -18.05 -17.91
N VAL D 25 -0.83 -17.26 -18.82
CA VAL D 25 -2.24 -17.37 -19.18
C VAL D 25 -2.34 -17.30 -20.70
N GLY D 26 -3.22 -18.10 -21.27
CA GLY D 26 -3.49 -18.13 -22.71
C GLY D 26 -4.93 -17.75 -22.97
N TYR D 27 -5.15 -16.89 -23.96
CA TYR D 27 -6.47 -16.43 -24.37
C TYR D 27 -6.78 -16.69 -25.86
N VAL D 28 -8.05 -16.97 -26.19
CA VAL D 28 -8.56 -16.96 -27.56
C VAL D 28 -9.54 -15.81 -27.51
N ASP D 29 -9.26 -14.71 -28.23
CA ASP D 29 -10.00 -13.45 -28.12
C ASP D 29 -10.04 -13.03 -26.65
N ASP D 30 -11.23 -12.96 -26.05
CA ASP D 30 -11.41 -12.56 -24.64
C ASP D 30 -11.71 -13.72 -23.72
N THR D 31 -11.49 -14.95 -24.18
CA THR D 31 -11.71 -16.15 -23.41
C THR D 31 -10.38 -16.81 -22.99
N GLN D 32 -10.14 -16.92 -21.66
CA GLN D 32 -8.98 -17.60 -21.14
C GLN D 32 -9.20 -19.11 -21.29
N PHE D 33 -8.19 -19.83 -21.78
CA PHE D 33 -8.36 -21.28 -21.97
C PHE D 33 -7.33 -22.12 -21.27
N VAL D 34 -6.20 -21.52 -20.85
CA VAL D 34 -5.15 -22.24 -20.13
C VAL D 34 -4.53 -21.30 -19.12
N ARG D 35 -3.84 -21.91 -18.17
CA ARG D 35 -3.09 -21.17 -17.17
C ARG D 35 -2.03 -22.08 -16.60
N PHE D 36 -1.01 -21.46 -16.01
CA PHE D 36 0.04 -22.12 -15.28
C PHE D 36 0.42 -21.15 -14.21
N ASP D 37 0.51 -21.64 -12.96
CA ASP D 37 0.97 -20.82 -11.84
C ASP D 37 2.05 -21.62 -11.08
N SER D 38 3.25 -21.03 -10.90
CA SER D 38 4.36 -21.73 -10.22
C SER D 38 4.11 -21.98 -8.72
N ASP D 39 3.15 -21.28 -8.14
CA ASP D 39 2.77 -21.44 -6.74
C ASP D 39 1.56 -22.39 -6.54
N ALA D 40 0.94 -22.90 -7.64
CA ALA D 40 -0.15 -23.89 -7.55
C ALA D 40 0.47 -25.26 -7.27
N ALA D 41 -0.34 -26.25 -6.87
CA ALA D 41 0.13 -27.59 -6.50
C ALA D 41 0.54 -28.51 -7.66
N SER D 42 -0.19 -28.45 -8.80
CA SER D 42 0.02 -29.39 -9.92
C SER D 42 1.31 -29.27 -10.67
N GLN D 43 1.80 -28.01 -10.88
CA GLN D 43 2.98 -27.70 -11.68
C GLN D 43 2.73 -28.17 -13.15
N ARG D 44 1.47 -28.11 -13.60
CA ARG D 44 1.10 -28.47 -14.97
C ARG D 44 0.35 -27.30 -15.55
N MET D 45 0.38 -27.17 -16.88
CA MET D 45 -0.49 -26.24 -17.61
C MET D 45 -1.89 -26.82 -17.40
N GLU D 46 -2.85 -25.97 -17.00
CA GLU D 46 -4.20 -26.36 -16.65
C GLU D 46 -5.26 -25.84 -17.59
N PRO D 47 -6.31 -26.65 -17.89
CA PRO D 47 -7.40 -26.17 -18.73
C PRO D 47 -8.30 -25.12 -18.02
N ARG D 48 -8.73 -24.08 -18.73
CA ARG D 48 -9.61 -23.05 -18.17
C ARG D 48 -10.88 -22.84 -18.97
N ALA D 49 -11.08 -23.60 -20.05
CA ALA D 49 -12.26 -23.55 -20.93
C ALA D 49 -12.66 -24.96 -21.34
N PRO D 50 -13.97 -25.30 -21.38
CA PRO D 50 -14.37 -26.69 -21.68
C PRO D 50 -13.86 -27.28 -22.98
N TRP D 51 -13.75 -26.48 -24.06
CA TRP D 51 -13.33 -26.96 -25.39
C TRP D 51 -11.85 -27.40 -25.51
N ILE D 52 -10.99 -26.99 -24.57
CA ILE D 52 -9.58 -27.41 -24.59
C ILE D 52 -9.36 -28.76 -23.81
N GLU D 53 -10.31 -29.13 -22.95
CA GLU D 53 -10.25 -30.37 -22.16
C GLU D 53 -10.15 -31.64 -22.98
N GLN D 54 -10.57 -31.60 -24.26
CA GLN D 54 -10.52 -32.75 -25.17
C GLN D 54 -9.08 -33.03 -25.69
N GLU D 55 -8.15 -32.10 -25.43
CA GLU D 55 -6.77 -32.29 -25.85
C GLU D 55 -6.16 -33.42 -25.05
N GLY D 56 -5.39 -34.28 -25.71
CA GLY D 56 -4.78 -35.45 -25.09
C GLY D 56 -3.57 -35.19 -24.22
N PRO D 57 -3.10 -36.22 -23.44
CA PRO D 57 -1.92 -36.04 -22.58
C PRO D 57 -0.67 -35.46 -23.23
N GLU D 58 -0.49 -35.73 -24.54
CA GLU D 58 0.63 -35.26 -25.37
CA GLU D 58 0.68 -35.26 -25.25
C GLU D 58 0.64 -33.73 -25.44
N TYR D 59 -0.57 -33.14 -25.53
CA TYR D 59 -0.73 -31.68 -25.61
C TYR D 59 -0.32 -31.09 -24.27
N TRP D 60 -0.89 -31.62 -23.17
CA TRP D 60 -0.60 -31.07 -21.82
C TRP D 60 0.85 -31.24 -21.39
N ASP D 61 1.55 -32.34 -21.80
CA ASP D 61 2.96 -32.59 -21.46
C ASP D 61 3.81 -31.54 -22.15
N GLN D 62 3.57 -31.30 -23.44
CA GLN D 62 4.35 -30.31 -24.20
C GLN D 62 4.13 -28.88 -23.70
N GLU D 63 2.85 -28.50 -23.45
CA GLU D 63 2.47 -27.18 -22.93
C GLU D 63 3.11 -26.95 -21.57
N THR D 64 3.12 -27.98 -20.70
CA THR D 64 3.79 -27.95 -19.40
C THR D 64 5.29 -27.74 -19.58
N ARG D 65 5.92 -28.51 -20.52
CA ARG D 65 7.36 -28.39 -20.81
C ARG D 65 7.76 -26.97 -21.23
N ASN D 66 7.01 -26.36 -22.17
CA ASN D 66 7.25 -25.02 -22.69
C ASN D 66 7.16 -23.95 -21.61
N VAL D 67 6.10 -23.94 -20.78
CA VAL D 67 6.01 -22.89 -19.76
C VAL D 67 7.10 -23.05 -18.68
N LYS D 68 7.51 -24.30 -18.39
CA LYS D 68 8.57 -24.53 -17.39
C LYS D 68 9.92 -24.02 -17.95
N ALA D 69 10.21 -24.28 -19.22
CA ALA D 69 11.43 -23.76 -19.85
C ALA D 69 11.37 -22.20 -19.92
N GLN D 70 10.18 -21.63 -20.21
CA GLN D 70 10.02 -20.15 -20.17
C GLN D 70 10.28 -19.63 -18.73
N SER D 71 9.75 -20.32 -17.68
CA SER D 71 10.00 -19.83 -16.31
C SER D 71 11.48 -19.86 -15.96
N GLN D 72 12.18 -20.91 -16.42
CA GLN D 72 13.62 -21.07 -16.24
C GLN D 72 14.42 -19.99 -16.98
N THR D 73 14.08 -19.71 -18.22
CA THR D 73 14.69 -18.65 -19.01
C THR D 73 14.49 -17.31 -18.26
N ASP D 74 13.25 -17.07 -17.74
CA ASP D 74 12.92 -15.82 -17.02
C ASP D 74 13.71 -15.63 -15.74
N ARG D 75 13.93 -16.72 -15.01
CA ARG D 75 14.69 -16.70 -13.76
C ARG D 75 16.11 -16.25 -14.03
N VAL D 76 16.73 -16.78 -15.13
CA VAL D 76 18.10 -16.38 -15.44
CA VAL D 76 18.10 -16.41 -15.56
C VAL D 76 18.09 -14.94 -16.01
N ASP D 77 17.12 -14.57 -16.88
CA ASP D 77 16.98 -13.18 -17.41
C ASP D 77 16.79 -12.11 -16.32
N LEU D 78 16.14 -12.47 -15.20
CA LEU D 78 15.99 -11.57 -14.06
C LEU D 78 17.38 -11.21 -13.48
N GLY D 79 18.25 -12.20 -13.35
CA GLY D 79 19.60 -11.99 -12.83
C GLY D 79 20.44 -11.18 -13.79
N THR D 80 20.33 -11.49 -15.09
CA THR D 80 21.02 -10.75 -16.15
C THR D 80 20.59 -9.28 -16.17
N LEU D 81 19.30 -9.01 -16.27
CA LEU D 81 18.74 -7.64 -16.35
C LEU D 81 19.02 -6.82 -15.11
N ARG D 82 19.05 -7.46 -13.94
CA ARG D 82 19.47 -6.82 -12.69
C ARG D 82 20.94 -6.32 -12.85
N GLY D 83 21.78 -7.10 -13.54
CA GLY D 83 23.18 -6.75 -13.78
C GLY D 83 23.31 -5.59 -14.74
N TYR D 84 22.49 -5.61 -15.82
CA TYR D 84 22.45 -4.56 -16.83
C TYR D 84 22.09 -3.20 -16.24
N TYR D 85 21.19 -3.18 -15.26
CA TYR D 85 20.75 -1.96 -14.63
C TYR D 85 21.47 -1.62 -13.34
N ASN D 86 22.56 -2.36 -12.98
CA ASN D 86 23.34 -2.20 -11.74
C ASN D 86 22.41 -2.16 -10.50
N GLN D 87 21.41 -3.05 -10.47
CA GLN D 87 20.44 -3.10 -9.38
C GLN D 87 20.89 -4.06 -8.32
N SER D 88 20.48 -3.80 -7.09
CA SER D 88 20.76 -4.60 -5.91
C SER D 88 20.04 -5.96 -6.00
N GLU D 89 20.49 -6.94 -5.23
CA GLU D 89 19.86 -8.26 -5.17
C GLU D 89 18.70 -8.24 -4.17
N ASP D 90 18.48 -7.11 -3.48
CA ASP D 90 17.43 -6.99 -2.46
C ASP D 90 16.03 -6.72 -2.97
N GLY D 91 15.91 -6.07 -4.13
CA GLY D 91 14.59 -5.70 -4.65
C GLY D 91 13.90 -6.75 -5.50
N SER D 92 12.58 -6.62 -5.65
CA SER D 92 11.75 -7.49 -6.48
C SER D 92 11.61 -6.81 -7.83
N HIS D 93 11.79 -7.58 -8.91
CA HIS D 93 11.69 -7.07 -10.28
C HIS D 93 10.79 -7.99 -11.12
N THR D 94 10.26 -7.45 -12.22
CA THR D 94 9.28 -8.13 -13.05
C THR D 94 9.63 -8.15 -14.50
N ILE D 95 9.47 -9.33 -15.11
CA ILE D 95 9.56 -9.48 -16.58
C ILE D 95 8.19 -9.90 -17.02
N GLN D 96 7.66 -9.24 -18.05
CA GLN D 96 6.35 -9.54 -18.64
C GLN D 96 6.57 -9.80 -20.10
N ILE D 97 5.92 -10.82 -20.64
CA ILE D 97 6.04 -11.17 -22.05
C ILE D 97 4.64 -11.37 -22.56
N MET D 98 4.39 -10.89 -23.77
CA MET D 98 3.13 -11.08 -24.47
C MET D 98 3.49 -11.49 -25.90
N TYR D 99 2.77 -12.48 -26.44
CA TYR D 99 2.94 -12.82 -27.84
C TYR D 99 1.67 -13.43 -28.37
N GLY D 100 1.49 -13.38 -29.67
CA GLY D 100 0.31 -13.95 -30.29
C GLY D 100 0.11 -13.51 -31.71
N CYS D 101 -1.03 -13.90 -32.26
CA CYS D 101 -1.33 -13.63 -33.64
C CYS D 101 -2.77 -13.22 -33.79
N ASP D 102 -3.05 -12.46 -34.84
CA ASP D 102 -4.38 -11.99 -35.23
C ASP D 102 -4.68 -12.66 -36.54
N VAL D 103 -5.93 -13.12 -36.71
CA VAL D 103 -6.41 -13.69 -37.96
C VAL D 103 -7.61 -12.88 -38.43
N GLY D 104 -7.81 -12.81 -39.75
CA GLY D 104 -8.96 -12.11 -40.34
C GLY D 104 -10.24 -12.92 -40.26
N PRO D 105 -11.35 -12.42 -40.87
CA PRO D 105 -12.63 -13.17 -40.82
C PRO D 105 -12.60 -14.54 -41.49
N ASP D 106 -11.73 -14.73 -42.49
CA ASP D 106 -11.57 -15.99 -43.23
C ASP D 106 -10.52 -16.95 -42.64
N GLY D 107 -9.93 -16.58 -41.50
CA GLY D 107 -8.94 -17.39 -40.82
C GLY D 107 -7.51 -17.18 -41.25
N ARG D 108 -7.25 -16.20 -42.13
CA ARG D 108 -5.93 -15.87 -42.66
C ARG D 108 -5.11 -15.02 -41.67
N PHE D 109 -3.76 -15.20 -41.63
CA PHE D 109 -2.85 -14.42 -40.79
C PHE D 109 -2.89 -12.92 -41.17
N LEU D 110 -3.08 -12.04 -40.16
CA LEU D 110 -3.07 -10.58 -40.31
C LEU D 110 -1.78 -9.98 -39.77
N ARG D 111 -1.48 -10.25 -38.47
CA ARG D 111 -0.29 -9.75 -37.78
C ARG D 111 0.13 -10.64 -36.61
N GLY D 112 1.41 -10.57 -36.28
CA GLY D 112 2.03 -11.32 -35.18
C GLY D 112 2.74 -10.36 -34.25
N TYR D 113 2.88 -10.76 -32.97
CA TYR D 113 3.47 -9.91 -31.93
C TYR D 113 4.30 -10.76 -30.99
N ARG D 114 5.30 -10.12 -30.40
CA ARG D 114 6.19 -10.55 -29.34
C ARG D 114 6.77 -9.28 -28.74
N GLN D 115 6.37 -8.98 -27.49
CA GLN D 115 6.79 -7.78 -26.77
C GLN D 115 7.17 -8.16 -25.37
N ASP D 116 8.28 -7.59 -24.86
CA ASP D 116 8.80 -7.87 -23.52
C ASP D 116 9.01 -6.55 -22.75
N ALA D 117 8.79 -6.62 -21.44
CA ALA D 117 8.91 -5.49 -20.54
C ALA D 117 9.73 -5.87 -19.35
N TYR D 118 10.34 -4.88 -18.72
CA TYR D 118 11.07 -5.05 -17.47
C TYR D 118 10.58 -3.94 -16.55
N ASP D 119 10.08 -4.33 -15.36
CA ASP D 119 9.54 -3.44 -14.33
C ASP D 119 8.42 -2.53 -14.83
N GLY D 120 7.53 -3.10 -15.63
CA GLY D 120 6.39 -2.38 -16.18
C GLY D 120 6.65 -1.43 -17.33
N LYS D 121 7.83 -1.44 -17.93
CA LYS D 121 8.03 -0.59 -19.12
C LYS D 121 8.65 -1.38 -20.25
N ASP D 122 8.42 -0.94 -21.47
CA ASP D 122 8.99 -1.53 -22.68
C ASP D 122 10.44 -1.89 -22.48
N TYR D 123 10.82 -3.10 -22.90
CA TYR D 123 12.20 -3.54 -22.84
C TYR D 123 12.64 -3.85 -24.27
N ILE D 124 12.05 -4.89 -24.88
CA ILE D 124 12.37 -5.21 -26.26
C ILE D 124 11.08 -5.65 -26.97
N ALA D 125 10.88 -5.24 -28.22
CA ALA D 125 9.68 -5.65 -28.96
C ALA D 125 10.02 -6.07 -30.38
N LEU D 126 9.33 -7.08 -30.89
CA LEU D 126 9.51 -7.52 -32.27
C LEU D 126 8.76 -6.54 -33.19
N ASN D 127 9.38 -6.10 -34.29
CA ASN D 127 8.70 -5.18 -35.22
C ASN D 127 7.66 -5.90 -36.05
N GLU D 128 6.72 -5.14 -36.66
CA GLU D 128 5.65 -5.64 -37.52
C GLU D 128 6.16 -6.50 -38.69
N ASP D 129 7.38 -6.25 -39.18
CA ASP D 129 7.99 -7.05 -40.25
C ASP D 129 8.38 -8.47 -39.74
N LEU D 130 8.35 -8.69 -38.40
CA LEU D 130 8.72 -9.94 -37.71
C LEU D 130 10.14 -10.38 -38.09
N ARG D 131 11.03 -9.40 -38.39
CA ARG D 131 12.40 -9.67 -38.84
C ARG D 131 13.43 -8.86 -38.09
N SER D 132 12.98 -7.82 -37.40
CA SER D 132 13.84 -6.92 -36.64
C SER D 132 13.20 -6.58 -35.27
N TRP D 133 14.02 -6.07 -34.32
CA TRP D 133 13.61 -5.74 -32.96
C TRP D 133 13.80 -4.26 -32.67
N THR D 134 13.03 -3.73 -31.69
CA THR D 134 13.18 -2.37 -31.17
C THR D 134 13.52 -2.52 -29.70
N ALA D 135 14.74 -2.08 -29.33
CA ALA D 135 15.26 -1.99 -27.98
C ALA D 135 14.85 -0.60 -27.39
N ALA D 136 14.26 -0.59 -26.17
CA ALA D 136 13.76 0.63 -25.54
C ALA D 136 14.85 1.47 -24.88
N ASP D 137 16.01 0.85 -24.56
CA ASP D 137 17.13 1.52 -23.89
C ASP D 137 18.45 0.80 -24.16
N MET D 138 19.57 1.25 -23.51
CA MET D 138 20.92 0.71 -23.65
C MET D 138 21.06 -0.72 -23.19
N ALA D 139 20.36 -1.10 -22.09
CA ALA D 139 20.40 -2.47 -21.60
C ALA D 139 19.71 -3.38 -22.61
N ALA D 140 18.58 -2.94 -23.20
CA ALA D 140 17.90 -3.75 -24.19
C ALA D 140 18.69 -3.93 -25.49
N GLN D 141 19.63 -3.00 -25.79
CA GLN D 141 20.48 -3.12 -26.98
C GLN D 141 21.46 -4.28 -26.84
N ILE D 142 21.84 -4.63 -25.60
CA ILE D 142 22.68 -5.80 -25.33
C ILE D 142 21.89 -7.05 -25.71
N THR D 143 20.61 -7.10 -25.30
CA THR D 143 19.72 -8.22 -25.64
C THR D 143 19.55 -8.29 -27.15
N LYS D 144 19.30 -7.14 -27.79
CA LYS D 144 19.08 -7.03 -29.24
C LYS D 144 20.22 -7.69 -30.04
N ARG D 145 21.48 -7.41 -29.71
CA ARG D 145 22.65 -8.00 -30.37
C ARG D 145 22.72 -9.51 -30.15
N LYS D 146 22.39 -9.98 -28.94
CA LYS D 146 22.32 -11.41 -28.60
C LYS D 146 21.23 -12.10 -29.41
N TRP D 147 20.04 -11.46 -29.52
CA TRP D 147 18.89 -12.00 -30.24
C TRP D 147 19.11 -11.97 -31.77
N GLU D 148 19.88 -10.98 -32.24
CA GLU D 148 20.25 -10.88 -33.66
C GLU D 148 21.20 -12.02 -33.99
N ALA D 149 22.25 -12.22 -33.17
CA ALA D 149 23.25 -13.29 -33.29
C ALA D 149 22.65 -14.71 -33.24
N ALA D 150 21.52 -14.87 -32.53
CA ALA D 150 20.82 -16.14 -32.36
C ALA D 150 19.63 -16.36 -33.30
N HIS D 151 19.34 -15.39 -34.19
CA HIS D 151 18.20 -15.41 -35.13
C HIS D 151 16.86 -15.62 -34.41
N ALA D 152 16.66 -14.87 -33.29
CA ALA D 152 15.45 -15.00 -32.49
C ALA D 152 14.20 -14.60 -33.26
N ALA D 153 14.29 -13.57 -34.16
CA ALA D 153 13.14 -13.10 -34.95
C ALA D 153 12.55 -14.16 -35.90
N GLU D 154 13.40 -14.95 -36.54
CA GLU D 154 13.01 -16.04 -37.45
C GLU D 154 12.23 -17.12 -36.66
N GLN D 155 12.67 -17.42 -35.42
CA GLN D 155 12.00 -18.34 -34.52
C GLN D 155 10.61 -17.81 -34.20
N GLN D 156 10.50 -16.49 -33.92
CA GLN D 156 9.20 -15.89 -33.62
C GLN D 156 8.31 -15.94 -34.82
N ARG D 157 8.84 -15.47 -35.97
CA ARG D 157 8.13 -15.45 -37.23
C ARG D 157 7.62 -16.84 -37.60
N ALA D 158 8.45 -17.88 -37.51
CA ALA D 158 8.01 -19.23 -37.88
C ALA D 158 6.84 -19.68 -37.00
N TYR D 159 6.90 -19.35 -35.70
CA TYR D 159 5.77 -19.68 -34.82
C TYR D 159 4.50 -18.85 -35.11
N LEU D 160 4.65 -17.53 -35.21
CA LEU D 160 3.50 -16.61 -35.33
C LEU D 160 2.69 -16.80 -36.62
N GLU D 161 3.40 -17.06 -37.73
CA GLU D 161 2.78 -17.27 -39.05
C GLU D 161 2.42 -18.71 -39.27
N GLY D 162 2.90 -19.60 -38.41
CA GLY D 162 2.68 -21.04 -38.56
C GLY D 162 1.74 -21.63 -37.55
N ARG D 163 2.32 -22.18 -36.50
CA ARG D 163 1.66 -22.85 -35.38
C ARG D 163 0.63 -21.99 -34.68
N CYS D 164 0.91 -20.69 -34.51
CA CYS D 164 -0.05 -19.80 -33.84
C CYS D 164 -1.36 -19.74 -34.64
N VAL D 165 -1.27 -19.55 -35.97
CA VAL D 165 -2.47 -19.42 -36.79
C VAL D 165 -3.21 -20.75 -36.92
N GLU D 166 -2.48 -21.86 -36.99
CA GLU D 166 -3.02 -23.22 -37.11
C GLU D 166 -3.77 -23.64 -35.85
N TRP D 167 -3.18 -23.38 -34.69
CA TRP D 167 -3.84 -23.79 -33.45
C TRP D 167 -5.03 -22.88 -33.10
N LEU D 168 -4.98 -21.58 -33.46
CA LEU D 168 -6.11 -20.67 -33.26
C LEU D 168 -7.28 -21.18 -34.12
N ARG D 169 -7.00 -21.54 -35.40
CA ARG D 169 -8.01 -22.08 -36.30
C ARG D 169 -8.67 -23.34 -35.65
N ARG D 170 -7.85 -24.22 -35.08
CA ARG D 170 -8.28 -25.45 -34.41
C ARG D 170 -9.16 -25.14 -33.20
N TYR D 171 -8.70 -24.21 -32.35
CA TYR D 171 -9.48 -23.84 -31.17
C TYR D 171 -10.79 -23.21 -31.57
N LEU D 172 -10.79 -22.37 -32.61
CA LEU D 172 -12.02 -21.72 -33.07
C LEU D 172 -13.08 -22.74 -33.52
N GLU D 173 -12.64 -23.86 -34.13
CA GLU D 173 -13.52 -24.94 -34.56
C GLU D 173 -14.01 -25.77 -33.39
N ASN D 174 -13.10 -26.29 -32.53
CA ASN D 174 -13.51 -27.12 -31.38
C ASN D 174 -14.37 -26.36 -30.39
N GLY D 175 -14.16 -25.05 -30.30
CA GLY D 175 -14.93 -24.19 -29.39
C GLY D 175 -15.95 -23.30 -30.07
N LYS D 176 -16.35 -23.63 -31.32
CA LYS D 176 -17.30 -22.89 -32.18
C LYS D 176 -18.51 -22.30 -31.42
N GLU D 177 -19.20 -23.15 -30.63
CA GLU D 177 -20.40 -22.89 -29.81
C GLU D 177 -20.29 -21.68 -28.90
N THR D 178 -19.12 -21.44 -28.31
CA THR D 178 -18.89 -20.33 -27.39
C THR D 178 -17.95 -19.24 -27.97
N LEU D 179 -16.88 -19.66 -28.65
CA LEU D 179 -15.91 -18.74 -29.25
C LEU D 179 -16.43 -17.91 -30.42
N GLN D 180 -17.30 -18.49 -31.25
CA GLN D 180 -17.82 -17.80 -32.42
C GLN D 180 -19.23 -17.21 -32.21
N ARG D 181 -19.76 -17.25 -30.96
CA ARG D 181 -21.04 -16.60 -30.73
C ARG D 181 -20.83 -15.09 -30.51
N THR D 182 -21.90 -14.32 -30.63
CA THR D 182 -21.85 -12.89 -30.36
C THR D 182 -22.95 -12.68 -29.34
N ASP D 183 -22.60 -12.19 -28.14
CA ASP D 183 -23.61 -11.88 -27.13
C ASP D 183 -23.80 -10.36 -27.23
N PRO D 184 -24.88 -9.86 -27.85
CA PRO D 184 -25.04 -8.40 -27.97
C PRO D 184 -25.25 -7.76 -26.58
N PRO D 185 -24.89 -6.48 -26.37
CA PRO D 185 -25.15 -5.89 -25.04
C PRO D 185 -26.63 -5.71 -24.72
N LYS D 186 -26.99 -5.88 -23.43
CA LYS D 186 -28.31 -5.59 -22.86
C LYS D 186 -28.10 -4.16 -22.32
N THR D 187 -28.80 -3.20 -22.87
CA THR D 187 -28.60 -1.78 -22.56
C THR D 187 -29.73 -1.13 -21.80
N HIS D 188 -29.38 -0.14 -20.98
CA HIS D 188 -30.36 0.64 -20.26
C HIS D 188 -29.73 1.91 -19.70
N MET D 189 -30.58 2.89 -19.37
CA MET D 189 -30.18 4.18 -18.84
C MET D 189 -30.65 4.42 -17.44
N THR D 190 -29.76 5.03 -16.65
CA THR D 190 -30.09 5.49 -15.29
C THR D 190 -29.96 7.03 -15.28
N HIS D 191 -30.68 7.66 -14.38
CA HIS D 191 -30.69 9.11 -14.26
C HIS D 191 -30.52 9.45 -12.80
N HIS D 192 -29.47 10.23 -12.48
CA HIS D 192 -29.18 10.66 -11.13
C HIS D 192 -29.12 12.19 -11.01
N PRO D 193 -30.22 12.85 -10.55
CA PRO D 193 -30.16 14.31 -10.31
C PRO D 193 -29.05 14.60 -9.30
N ILE D 194 -28.22 15.60 -9.59
CA ILE D 194 -27.12 16.02 -8.74
C ILE D 194 -27.65 17.19 -7.87
N SER D 195 -28.42 18.07 -8.50
CA SER D 195 -28.99 19.28 -7.92
C SER D 195 -30.21 19.62 -8.73
N ASP D 196 -30.73 20.85 -8.52
CA ASP D 196 -31.86 21.34 -9.31
C ASP D 196 -31.42 21.90 -10.67
N HIS D 197 -30.12 22.00 -10.94
CA HIS D 197 -29.64 22.53 -12.23
C HIS D 197 -28.85 21.47 -13.06
N GLU D 198 -28.43 20.36 -12.43
CA GLU D 198 -27.69 19.30 -13.11
C GLU D 198 -28.14 17.88 -12.75
N ALA D 199 -27.93 16.94 -13.68
CA ALA D 199 -28.26 15.53 -13.52
C ALA D 199 -27.26 14.69 -14.34
N THR D 200 -26.98 13.48 -13.87
CA THR D 200 -26.12 12.54 -14.59
C THR D 200 -27.01 11.59 -15.35
N LEU D 201 -26.66 11.30 -16.61
CA LEU D 201 -27.31 10.25 -17.37
C LEU D 201 -26.26 9.16 -17.50
N ARG D 202 -26.59 7.93 -17.15
CA ARG D 202 -25.64 6.84 -17.25
C ARG D 202 -26.16 5.81 -18.22
N CYS D 203 -25.38 5.53 -19.25
CA CYS D 203 -25.69 4.58 -20.29
C CYS D 203 -24.98 3.26 -19.96
N TRP D 204 -25.73 2.17 -19.74
CA TRP D 204 -25.22 0.84 -19.38
C TRP D 204 -25.25 -0.15 -20.51
N ALA D 205 -24.24 -1.05 -20.53
CA ALA D 205 -24.13 -2.15 -21.51
C ALA D 205 -23.70 -3.37 -20.71
N LEU D 206 -24.55 -4.40 -20.62
CA LEU D 206 -24.30 -5.59 -19.83
C LEU D 206 -24.41 -6.88 -20.66
N GLY D 207 -23.70 -7.92 -20.21
CA GLY D 207 -23.70 -9.28 -20.75
C GLY D 207 -23.27 -9.47 -22.18
N PHE D 208 -22.35 -8.62 -22.66
CA PHE D 208 -21.86 -8.67 -24.01
C PHE D 208 -20.53 -9.45 -24.18
N TYR D 209 -20.31 -10.00 -25.38
CA TYR D 209 -19.12 -10.75 -25.80
C TYR D 209 -18.98 -10.64 -27.32
N PRO D 210 -17.78 -10.34 -27.88
CA PRO D 210 -16.49 -10.06 -27.22
C PRO D 210 -16.48 -8.74 -26.43
N ALA D 211 -15.38 -8.44 -25.73
CA ALA D 211 -15.21 -7.25 -24.90
C ALA D 211 -15.24 -5.93 -25.67
N GLU D 212 -14.82 -5.94 -26.93
CA GLU D 212 -14.80 -4.74 -27.77
C GLU D 212 -16.19 -4.08 -27.87
N ILE D 213 -16.26 -2.79 -27.50
CA ILE D 213 -17.48 -2.00 -27.48
C ILE D 213 -17.14 -0.50 -27.52
N THR D 214 -18.05 0.29 -28.05
CA THR D 214 -17.95 1.76 -28.08
C THR D 214 -19.27 2.36 -27.59
N LEU D 215 -19.20 3.26 -26.60
CA LEU D 215 -20.34 3.99 -26.06
C LEU D 215 -19.95 5.44 -26.23
N THR D 216 -20.78 6.19 -26.97
CA THR D 216 -20.52 7.62 -27.20
C THR D 216 -21.81 8.40 -26.95
N TRP D 217 -21.63 9.63 -26.47
CA TRP D 217 -22.74 10.52 -26.20
C TRP D 217 -22.85 11.55 -27.29
N GLN D 218 -24.09 11.94 -27.62
CA GLN D 218 -24.30 13.06 -28.54
C GLN D 218 -25.38 13.94 -27.96
N ARG D 219 -25.32 15.25 -28.27
CA ARG D 219 -26.32 16.22 -27.89
C ARG D 219 -26.79 16.88 -29.21
N ASP D 220 -28.12 16.84 -29.46
CA ASP D 220 -28.78 17.35 -30.67
C ASP D 220 -28.11 16.76 -31.94
N GLY D 221 -27.74 15.48 -31.86
CA GLY D 221 -27.05 14.76 -32.93
C GLY D 221 -25.60 15.16 -33.19
N GLU D 222 -24.92 15.75 -32.19
CA GLU D 222 -23.51 16.15 -32.31
C GLU D 222 -22.69 15.54 -31.18
N ASP D 223 -21.48 15.03 -31.50
CA ASP D 223 -20.60 14.37 -30.53
C ASP D 223 -20.29 15.22 -29.30
N GLN D 224 -20.51 14.65 -28.12
CA GLN D 224 -20.29 15.29 -26.83
C GLN D 224 -19.18 14.54 -26.10
N THR D 225 -18.09 15.23 -25.77
CA THR D 225 -16.95 14.69 -25.02
C THR D 225 -16.78 15.45 -23.71
N GLN D 226 -17.31 16.69 -23.64
CA GLN D 226 -17.23 17.49 -22.42
C GLN D 226 -18.27 16.98 -21.43
N ASP D 227 -17.90 16.92 -20.15
CA ASP D 227 -18.75 16.48 -19.03
C ASP D 227 -19.17 14.99 -19.18
N THR D 228 -18.31 14.18 -19.83
CA THR D 228 -18.54 12.74 -20.02
C THR D 228 -17.51 11.91 -19.26
N GLU D 229 -17.97 10.81 -18.67
CA GLU D 229 -17.19 9.86 -17.87
C GLU D 229 -17.33 8.46 -18.49
N LEU D 230 -16.22 7.74 -18.66
CA LEU D 230 -16.25 6.40 -19.27
C LEU D 230 -15.48 5.42 -18.40
N VAL D 231 -16.13 4.36 -17.88
CA VAL D 231 -15.36 3.37 -17.11
C VAL D 231 -14.69 2.35 -18.03
N GLU D 232 -13.61 1.74 -17.56
CA GLU D 232 -12.96 0.67 -18.27
C GLU D 232 -13.92 -0.55 -18.36
N THR D 233 -13.89 -1.26 -19.49
CA THR D 233 -14.68 -2.47 -19.67
C THR D 233 -14.23 -3.49 -18.61
N ARG D 234 -15.22 -4.11 -17.94
CA ARG D 234 -14.95 -5.01 -16.83
C ARG D 234 -15.61 -6.39 -17.05
N PRO D 235 -14.98 -7.48 -16.54
CA PRO D 235 -15.56 -8.81 -16.69
C PRO D 235 -16.72 -9.03 -15.72
N ALA D 236 -17.84 -9.62 -16.18
CA ALA D 236 -18.94 -9.93 -15.29
C ALA D 236 -18.58 -11.16 -14.43
N GLY D 237 -17.70 -12.05 -14.96
CA GLY D 237 -17.23 -13.24 -14.25
C GLY D 237 -17.74 -14.54 -14.85
N ASP D 238 -18.71 -14.44 -15.79
CA ASP D 238 -19.32 -15.58 -16.48
C ASP D 238 -18.89 -15.68 -17.97
N GLY D 239 -17.84 -14.95 -18.34
CA GLY D 239 -17.35 -14.91 -19.72
C GLY D 239 -17.89 -13.74 -20.52
N THR D 240 -18.77 -12.91 -19.91
CA THR D 240 -19.35 -11.70 -20.55
C THR D 240 -18.79 -10.46 -19.88
N PHE D 241 -18.98 -9.30 -20.50
CA PHE D 241 -18.45 -8.03 -20.06
C PHE D 241 -19.52 -6.99 -19.79
N GLN D 242 -19.13 -5.90 -19.13
CA GLN D 242 -19.98 -4.78 -18.76
C GLN D 242 -19.18 -3.50 -18.94
N LYS D 243 -19.90 -2.37 -19.16
CA LYS D 243 -19.32 -1.04 -19.35
C LYS D 243 -20.42 0.02 -19.19
N TRP D 244 -20.05 1.22 -18.76
CA TRP D 244 -20.98 2.33 -18.73
C TRP D 244 -20.30 3.59 -19.16
N ALA D 245 -21.09 4.55 -19.65
CA ALA D 245 -20.67 5.87 -20.07
C ALA D 245 -21.65 6.87 -19.42
N ALA D 246 -21.16 7.98 -18.88
CA ALA D 246 -22.06 8.93 -18.22
C ALA D 246 -21.81 10.34 -18.69
N VAL D 247 -22.83 11.18 -18.61
CA VAL D 247 -22.75 12.59 -19.00
C VAL D 247 -23.52 13.43 -17.96
N VAL D 248 -22.95 14.57 -17.55
CA VAL D 248 -23.61 15.52 -16.64
C VAL D 248 -24.28 16.53 -17.56
N VAL D 249 -25.62 16.61 -17.47
CA VAL D 249 -26.45 17.43 -18.34
C VAL D 249 -27.27 18.51 -17.56
N PRO D 250 -27.67 19.63 -18.21
CA PRO D 250 -28.53 20.62 -17.52
C PRO D 250 -29.93 20.02 -17.30
N SER D 251 -30.52 20.19 -16.08
CA SER D 251 -31.85 19.64 -15.78
C SER D 251 -32.90 20.15 -16.79
N GLY D 252 -33.83 19.27 -17.18
CA GLY D 252 -34.85 19.56 -18.18
C GLY D 252 -34.45 19.32 -19.62
N GLU D 253 -33.14 19.09 -19.87
CA GLU D 253 -32.62 18.87 -21.22
C GLU D 253 -32.18 17.44 -21.49
N GLU D 254 -32.50 16.48 -20.59
CA GLU D 254 -31.99 15.11 -20.76
C GLU D 254 -32.50 14.40 -22.03
N GLN D 255 -33.66 14.79 -22.60
CA GLN D 255 -34.16 14.14 -23.81
C GLN D 255 -33.35 14.54 -25.07
N ARG D 256 -32.49 15.58 -24.99
CA ARG D 256 -31.63 16.01 -26.10
C ARG D 256 -30.33 15.14 -26.25
N TYR D 257 -30.09 14.24 -25.29
CA TYR D 257 -28.88 13.41 -25.30
C TYR D 257 -29.11 12.02 -25.79
N THR D 258 -28.18 11.50 -26.57
CA THR D 258 -28.32 10.12 -27.03
C THR D 258 -27.02 9.38 -26.78
N CYS D 259 -27.12 8.14 -26.34
CA CYS D 259 -25.98 7.27 -26.14
C CYS D 259 -26.01 6.28 -27.31
N HIS D 260 -24.92 6.22 -28.05
CA HIS D 260 -24.78 5.33 -29.20
C HIS D 260 -23.88 4.15 -28.79
N VAL D 261 -24.42 2.93 -28.91
CA VAL D 261 -23.78 1.67 -28.56
C VAL D 261 -23.38 0.90 -29.82
N GLN D 262 -22.05 0.76 -30.04
CA GLN D 262 -21.48 0.01 -31.16
C GLN D 262 -20.86 -1.34 -30.64
N HIS D 263 -21.38 -2.48 -31.13
CA HIS D 263 -20.91 -3.83 -30.78
C HIS D 263 -21.12 -4.81 -31.94
N GLU D 264 -20.13 -5.69 -32.20
CA GLU D 264 -20.13 -6.74 -33.24
C GLU D 264 -21.39 -7.61 -33.19
N GLY D 265 -21.94 -7.83 -32.01
CA GLY D 265 -23.15 -8.60 -31.80
C GLY D 265 -24.43 -7.88 -32.18
N LEU D 266 -24.36 -6.58 -32.49
CA LEU D 266 -25.52 -5.77 -32.87
C LEU D 266 -25.59 -5.68 -34.41
N PRO D 267 -26.71 -6.15 -35.04
CA PRO D 267 -26.86 -6.01 -36.51
C PRO D 267 -26.64 -4.56 -36.92
N LYS D 268 -27.27 -3.64 -36.16
CA LYS D 268 -27.18 -2.18 -36.34
C LYS D 268 -26.81 -1.46 -35.02
N PRO D 269 -25.92 -0.43 -35.05
CA PRO D 269 -25.62 0.33 -33.81
C PRO D 269 -26.88 0.80 -33.11
N LEU D 270 -26.91 0.67 -31.78
CA LEU D 270 -28.05 1.00 -30.95
C LEU D 270 -28.00 2.47 -30.45
N THR D 271 -29.18 3.10 -30.27
CA THR D 271 -29.35 4.45 -29.73
C THR D 271 -30.26 4.37 -28.50
N LEU D 272 -29.82 4.96 -27.39
CA LEU D 272 -30.53 4.97 -26.12
C LEU D 272 -30.83 6.40 -25.72
N ARG D 273 -32.03 6.60 -25.21
CA ARG D 273 -32.53 7.92 -24.82
C ARG D 273 -33.21 7.75 -23.47
N TRP D 274 -33.19 8.81 -22.65
CA TRP D 274 -33.85 8.80 -21.36
C TRP D 274 -35.36 9.04 -21.62
N MET E 1 11.79 3.49 -11.31
CA MET E 1 10.69 2.57 -11.55
C MET E 1 9.35 3.25 -11.34
N ILE E 2 8.45 3.09 -12.30
CA ILE E 2 7.15 3.73 -12.20
C ILE E 2 6.14 2.74 -11.66
N GLN E 3 5.50 3.17 -10.59
CA GLN E 3 4.45 2.44 -9.89
C GLN E 3 3.14 3.09 -10.23
N ARG E 4 2.09 2.27 -10.36
CA ARG E 4 0.77 2.72 -10.75
C ARG E 4 -0.24 2.23 -9.77
N THR E 5 -1.11 3.14 -9.33
CA THR E 5 -2.11 2.83 -8.32
C THR E 5 -3.28 2.08 -8.91
N PRO E 6 -3.94 1.15 -8.21
CA PRO E 6 -5.06 0.43 -8.84
C PRO E 6 -6.34 1.21 -9.00
N LYS E 7 -7.04 0.98 -10.11
CA LYS E 7 -8.40 1.48 -10.32
C LYS E 7 -9.30 0.36 -9.75
N ILE E 8 -10.37 0.71 -9.03
CA ILE E 8 -11.23 -0.26 -8.35
C ILE E 8 -12.70 -0.11 -8.75
N GLN E 9 -13.37 -1.22 -9.09
CA GLN E 9 -14.80 -1.27 -9.43
C GLN E 9 -15.44 -2.40 -8.65
N VAL E 10 -16.54 -2.09 -7.92
CA VAL E 10 -17.33 -3.09 -7.16
C VAL E 10 -18.72 -3.15 -7.76
N TYR E 11 -19.17 -4.37 -8.13
CA TYR E 11 -20.44 -4.57 -8.84
C TYR E 11 -20.84 -6.04 -8.76
N SER E 12 -22.08 -6.34 -9.17
CA SER E 12 -22.57 -7.72 -9.19
C SER E 12 -22.48 -8.31 -10.59
N ARG E 13 -22.39 -9.64 -10.70
CA ARG E 13 -22.31 -10.35 -11.99
C ARG E 13 -23.62 -10.12 -12.80
N HIS E 14 -24.78 -10.31 -12.17
CA HIS E 14 -26.11 -10.12 -12.77
C HIS E 14 -26.82 -8.98 -12.05
N PRO E 15 -27.90 -8.34 -12.63
CA PRO E 15 -28.59 -7.25 -11.88
C PRO E 15 -29.13 -7.76 -10.54
N ALA E 16 -28.89 -6.98 -9.47
CA ALA E 16 -29.21 -7.32 -8.08
C ALA E 16 -30.70 -7.39 -7.76
N GLU E 17 -31.13 -8.59 -7.32
CA GLU E 17 -32.49 -8.93 -6.89
C GLU E 17 -32.35 -9.57 -5.51
N ASN E 18 -33.01 -8.98 -4.50
CA ASN E 18 -32.96 -9.50 -3.12
C ASN E 18 -33.50 -10.93 -3.06
N GLY E 19 -32.82 -11.78 -2.28
CA GLY E 19 -33.17 -13.18 -2.16
C GLY E 19 -32.68 -14.07 -3.29
N LYS E 20 -32.10 -13.45 -4.36
CA LYS E 20 -31.56 -14.23 -5.48
C LYS E 20 -30.03 -14.27 -5.48
N SER E 21 -29.46 -15.49 -5.51
CA SER E 21 -28.03 -15.74 -5.53
C SER E 21 -27.43 -15.05 -6.77
N ASN E 22 -26.28 -14.42 -6.55
CA ASN E 22 -25.56 -13.63 -7.52
C ASN E 22 -24.08 -13.75 -7.13
N PHE E 23 -23.21 -12.96 -7.79
CA PHE E 23 -21.79 -12.88 -7.46
C PHE E 23 -21.39 -11.45 -7.28
N LEU E 24 -20.68 -11.14 -6.17
CA LEU E 24 -20.16 -9.81 -5.89
C LEU E 24 -18.73 -9.79 -6.45
N ASN E 25 -18.42 -8.83 -7.33
CA ASN E 25 -17.12 -8.68 -7.97
C ASN E 25 -16.40 -7.46 -7.51
N CYS E 26 -15.06 -7.55 -7.48
CA CYS E 26 -14.19 -6.42 -7.28
C CYS E 26 -13.10 -6.55 -8.30
N TYR E 27 -13.17 -5.70 -9.31
CA TYR E 27 -12.20 -5.63 -10.38
C TYR E 27 -11.16 -4.55 -10.09
N VAL E 28 -9.88 -4.98 -9.98
CA VAL E 28 -8.72 -4.10 -9.74
C VAL E 28 -7.86 -4.11 -11.02
N SER E 29 -7.51 -2.94 -11.53
CA SER E 29 -6.77 -2.85 -12.79
C SER E 29 -5.87 -1.65 -12.85
N GLY E 30 -5.01 -1.59 -13.86
CA GLY E 30 -4.11 -0.45 -14.02
C GLY E 30 -3.01 -0.33 -12.95
N PHE E 31 -2.68 -1.43 -12.24
CA PHE E 31 -1.66 -1.33 -11.18
C PHE E 31 -0.30 -1.96 -11.53
N HIS E 32 0.75 -1.50 -10.83
CA HIS E 32 2.13 -1.99 -11.00
C HIS E 32 2.94 -1.56 -9.79
N PRO E 33 3.69 -2.44 -9.06
CA PRO E 33 3.93 -3.89 -9.27
C PRO E 33 2.70 -4.74 -8.98
N SER E 34 2.84 -6.06 -9.15
CA SER E 34 1.75 -7.03 -9.12
C SER E 34 1.25 -7.39 -7.77
N ASP E 35 2.03 -7.18 -6.68
CA ASP E 35 1.50 -7.58 -5.37
C ASP E 35 0.40 -6.64 -4.96
N ILE E 36 -0.73 -7.18 -4.54
CA ILE E 36 -1.90 -6.38 -4.12
C ILE E 36 -2.66 -7.19 -3.07
N GLU E 37 -3.39 -6.54 -2.17
CA GLU E 37 -4.25 -7.22 -1.19
C GLU E 37 -5.65 -6.78 -1.46
N VAL E 38 -6.54 -7.75 -1.71
CA VAL E 38 -7.94 -7.44 -1.98
C VAL E 38 -8.83 -8.28 -1.05
N ASP E 39 -9.76 -7.61 -0.33
CA ASP E 39 -10.77 -8.26 0.49
C ASP E 39 -12.15 -7.74 0.10
N LEU E 40 -13.15 -8.61 0.16
CA LEU E 40 -14.55 -8.27 -0.07
C LEU E 40 -15.15 -8.23 1.33
N LEU E 41 -16.00 -7.25 1.59
CA LEU E 41 -16.53 -7.07 2.94
C LEU E 41 -18.04 -7.11 2.97
N LYS E 42 -18.57 -7.71 4.04
CA LYS E 42 -20.00 -7.76 4.30
C LYS E 42 -20.20 -7.10 5.66
N ASN E 43 -20.82 -5.91 5.66
CA ASN E 43 -21.04 -5.11 6.87
C ASN E 43 -19.71 -4.81 7.60
N GLY E 44 -18.68 -4.48 6.81
CA GLY E 44 -17.35 -4.18 7.29
C GLY E 44 -16.52 -5.38 7.71
N GLU E 45 -17.09 -6.58 7.60
CA GLU E 45 -16.38 -7.79 7.96
C GLU E 45 -15.96 -8.59 6.72
N ARG E 46 -14.69 -9.02 6.69
CA ARG E 46 -14.08 -9.78 5.60
C ARG E 46 -14.83 -11.05 5.25
N ILE E 47 -15.16 -11.22 3.96
CA ILE E 47 -15.81 -12.44 3.48
C ILE E 47 -14.69 -13.47 3.32
N GLU E 48 -14.84 -14.64 3.91
CA GLU E 48 -13.79 -15.68 3.87
C GLU E 48 -13.60 -16.39 2.50
N LYS E 49 -14.68 -16.89 1.89
CA LYS E 49 -14.54 -17.66 0.66
C LYS E 49 -14.60 -16.78 -0.59
N VAL E 50 -13.45 -16.19 -0.96
CA VAL E 50 -13.30 -15.29 -2.09
C VAL E 50 -12.27 -15.86 -3.03
N GLU E 51 -12.62 -15.93 -4.31
CA GLU E 51 -11.78 -16.47 -5.36
C GLU E 51 -11.26 -15.35 -6.25
N HIS E 52 -10.18 -15.59 -7.01
CA HIS E 52 -9.66 -14.57 -7.92
C HIS E 52 -9.18 -15.16 -9.20
N SER E 53 -9.17 -14.33 -10.24
CA SER E 53 -8.70 -14.67 -11.59
C SER E 53 -7.17 -14.80 -11.59
N ASP E 54 -6.62 -15.35 -12.67
CA ASP E 54 -5.19 -15.50 -12.83
C ASP E 54 -4.65 -14.18 -13.32
N LEU E 55 -3.55 -13.76 -12.71
CA LEU E 55 -2.88 -12.52 -13.05
C LEU E 55 -2.58 -12.35 -14.54
N SER E 56 -3.05 -11.22 -15.10
CA SER E 56 -2.79 -10.85 -16.47
C SER E 56 -2.56 -9.35 -16.57
N PHE E 57 -2.29 -8.86 -17.77
CA PHE E 57 -1.98 -7.45 -17.93
C PHE E 57 -2.43 -6.94 -19.27
N SER E 58 -2.52 -5.61 -19.38
CA SER E 58 -3.02 -4.87 -20.54
C SER E 58 -1.84 -4.37 -21.37
N LYS E 59 -2.12 -3.68 -22.50
CA LYS E 59 -1.13 -3.15 -23.44
C LYS E 59 -0.04 -2.30 -22.79
N ASP E 60 -0.40 -1.54 -21.76
CA ASP E 60 0.56 -0.66 -21.10
C ASP E 60 1.30 -1.42 -19.98
N TRP E 61 1.17 -2.79 -19.93
CA TRP E 61 1.85 -3.65 -18.94
C TRP E 61 1.26 -3.61 -17.52
N SER E 62 0.22 -2.78 -17.28
CA SER E 62 -0.36 -2.72 -15.93
C SER E 62 -1.26 -3.94 -15.75
N PHE E 63 -1.28 -4.46 -14.54
CA PHE E 63 -1.98 -5.69 -14.16
C PHE E 63 -3.47 -5.51 -13.91
N TYR E 64 -4.24 -6.62 -14.00
CA TYR E 64 -5.65 -6.64 -13.66
C TYR E 64 -6.01 -7.99 -13.03
N LEU E 65 -6.95 -7.99 -12.06
CA LEU E 65 -7.46 -9.18 -11.37
C LEU E 65 -8.90 -8.92 -11.07
N LEU E 66 -9.68 -10.00 -11.05
CA LEU E 66 -11.05 -9.98 -10.62
C LEU E 66 -11.13 -10.86 -9.37
N TYR E 67 -11.66 -10.31 -8.25
CA TYR E 67 -11.95 -11.04 -7.02
C TYR E 67 -13.46 -11.16 -6.98
N TYR E 68 -13.97 -12.31 -6.57
CA TYR E 68 -15.41 -12.57 -6.60
C TYR E 68 -15.81 -13.57 -5.55
N THR E 69 -17.08 -13.48 -5.13
CA THR E 69 -17.72 -14.38 -4.17
C THR E 69 -19.21 -14.48 -4.44
N GLU E 70 -19.78 -15.67 -4.19
CA GLU E 70 -21.22 -15.90 -4.30
C GLU E 70 -21.88 -15.19 -3.12
N PHE E 71 -22.92 -14.40 -3.43
CA PHE E 71 -23.67 -13.67 -2.42
C PHE E 71 -25.16 -13.59 -2.81
N THR E 72 -26.04 -13.43 -1.83
CA THR E 72 -27.46 -13.25 -2.08
C THR E 72 -27.80 -11.91 -1.45
N PRO E 73 -28.04 -10.86 -2.28
CA PRO E 73 -28.30 -9.52 -1.72
C PRO E 73 -29.60 -9.44 -0.92
N THR E 74 -29.66 -8.46 -0.03
CA THR E 74 -30.80 -8.12 0.82
C THR E 74 -30.87 -6.61 0.84
N GLU E 75 -31.98 -6.07 1.36
CA GLU E 75 -32.20 -4.63 1.47
C GLU E 75 -31.25 -4.01 2.47
N LYS E 76 -30.89 -4.78 3.50
CA LYS E 76 -30.11 -4.34 4.65
C LYS E 76 -28.58 -4.44 4.54
N ASP E 77 -28.04 -5.57 4.05
CA ASP E 77 -26.60 -5.83 4.02
C ASP E 77 -25.81 -4.91 3.08
N GLU E 78 -24.71 -4.34 3.62
CA GLU E 78 -23.77 -3.45 2.93
C GLU E 78 -22.53 -4.25 2.52
N TYR E 79 -22.08 -4.02 1.28
CA TYR E 79 -20.94 -4.72 0.72
C TYR E 79 -19.94 -3.74 0.20
N ALA E 80 -18.68 -4.15 0.23
CA ALA E 80 -17.61 -3.28 -0.25
C ALA E 80 -16.39 -4.12 -0.59
N CYS E 81 -15.45 -3.47 -1.19
CA CYS E 81 -14.17 -4.05 -1.49
C CYS E 81 -13.10 -3.20 -0.77
N ARG E 82 -12.06 -3.86 -0.24
CA ARG E 82 -10.97 -3.22 0.47
C ARG E 82 -9.67 -3.58 -0.19
N VAL E 83 -8.94 -2.57 -0.65
CA VAL E 83 -7.71 -2.79 -1.42
C VAL E 83 -6.49 -2.11 -0.81
N ASN E 84 -5.36 -2.82 -0.69
CA ASN E 84 -4.07 -2.21 -0.36
C ASN E 84 -3.01 -2.60 -1.40
N HIS E 85 -2.10 -1.65 -1.69
CA HIS E 85 -1.04 -1.73 -2.68
C HIS E 85 0.11 -0.86 -2.15
N VAL E 86 1.35 -1.09 -2.62
CA VAL E 86 2.53 -0.32 -2.18
C VAL E 86 2.30 1.21 -2.41
N THR E 87 1.57 1.54 -3.48
CA THR E 87 1.25 2.90 -3.85
C THR E 87 0.18 3.58 -2.93
N LEU E 88 -0.50 2.81 -2.07
CA LEU E 88 -1.55 3.36 -1.21
C LEU E 88 -1.03 3.50 0.23
N SER E 89 -1.37 4.62 0.89
CA SER E 89 -0.95 4.87 2.27
C SER E 89 -1.66 3.94 3.23
N GLN E 90 -2.92 3.65 2.94
CA GLN E 90 -3.72 2.75 3.76
C GLN E 90 -4.74 2.08 2.82
N PRO E 91 -5.43 0.99 3.26
CA PRO E 91 -6.43 0.35 2.39
C PRO E 91 -7.53 1.29 1.94
N LYS E 92 -7.83 1.25 0.64
CA LYS E 92 -8.89 2.03 0.02
C LYS E 92 -10.18 1.18 0.02
N ILE E 93 -11.27 1.71 0.59
CA ILE E 93 -12.56 1.02 0.61
C ILE E 93 -13.50 1.64 -0.43
N VAL E 94 -14.05 0.79 -1.32
CA VAL E 94 -15.00 1.17 -2.35
C VAL E 94 -16.26 0.36 -2.08
N LYS E 95 -17.36 1.05 -1.80
CA LYS E 95 -18.66 0.46 -1.48
C LYS E 95 -19.37 0.03 -2.74
N TRP E 96 -20.11 -1.09 -2.69
CA TRP E 96 -20.98 -1.51 -3.79
C TRP E 96 -22.23 -0.58 -3.80
N ASP E 97 -22.61 -0.07 -4.98
CA ASP E 97 -23.80 0.74 -5.15
C ASP E 97 -24.58 0.17 -6.33
N ARG E 98 -25.77 -0.40 -6.08
CA ARG E 98 -26.66 -0.96 -7.13
C ARG E 98 -27.02 -0.03 -8.33
N ASP E 99 -26.54 1.25 -8.39
CA ASP E 99 -26.87 2.20 -9.47
C ASP E 99 -25.70 2.77 -10.32
N MET E 100 -24.52 3.01 -9.70
CA MET E 100 -23.36 3.59 -10.39
C MET E 100 -22.06 2.80 -10.20
N LYS F 1 -1.65 -23.16 -28.56
CA LYS F 1 -0.35 -23.76 -28.28
C LYS F 1 0.67 -22.68 -28.11
N THR F 2 1.49 -22.79 -27.04
CA THR F 2 2.59 -21.87 -26.70
C THR F 2 3.72 -22.00 -27.69
N ASN F 3 4.64 -21.03 -27.69
CA ASN F 3 5.81 -21.16 -28.55
C ASN F 3 6.91 -21.93 -27.76
N GLY F 4 7.40 -23.01 -28.35
CA GLY F 4 8.47 -23.83 -27.78
C GLY F 4 9.74 -23.74 -28.61
N ASN F 5 9.82 -22.83 -29.58
CA ASN F 5 11.03 -22.79 -30.39
C ASN F 5 12.04 -21.70 -29.99
N ALA F 6 11.70 -20.79 -29.04
CA ALA F 6 12.56 -19.64 -28.77
C ALA F 6 12.92 -19.35 -27.28
N PHE F 7 13.61 -20.29 -26.61
CA PHE F 7 14.07 -20.01 -25.24
C PHE F 7 15.48 -19.44 -25.30
N ILE F 8 15.61 -18.22 -25.81
CA ILE F 8 16.89 -17.53 -25.98
C ILE F 8 17.05 -16.46 -24.88
N GLY F 9 18.10 -16.62 -24.07
CA GLY F 9 18.40 -15.69 -22.99
C GLY F 9 18.57 -14.25 -23.42
N LYS F 10 18.25 -13.33 -22.50
CA LYS F 10 18.38 -11.90 -22.70
C LYS F 10 19.84 -11.44 -22.36
#